data_6K1R
#
_entry.id   6K1R
#
_cell.length_a   129.995
_cell.length_b   129.995
_cell.length_c   155.105
_cell.angle_alpha   90.00
_cell.angle_beta   90.00
_cell.angle_gamma   90.00
#
_symmetry.space_group_name_H-M   'P 42 21 2'
#
loop_
_entity.id
_entity.type
_entity.pdbx_description
1 polymer 'Probable 2-dehydropantoate 2-reductase'
2 non-polymer GLYCEROL
3 non-polymer KETOPANTOATE
4 non-polymer NICOTINAMIDE-ADENINE-DINUCLEOTIDE
5 water water
#
_entity_poly.entity_id   1
_entity_poly.type   'polypeptide(L)'
_entity_poly.pdbx_seq_one_letter_code
;MGSSHHHHHHSSGLVPRGSHMTWHILGAGSLGSLWAARLGRAGLPVRLILRDRQRLRRYQQAGGLSLVEDGQASLYPIAA
ETPDGGQPIQRLLLACKAYDAEEAASSVAHRLAGNAELLLLQNGLGSQQAVAARLPRSRCLFASSTEGAFRDGDFRVVFA
GRGHTWLGDPRDTNAPAWLTQLSQAGIPHSWSDDILERLWRKLALNCAINPLTVLHDCRNGGLRQHPEEIAALCDELGQL
LHASGYDAAARSLLEDVRAVIDATAANYSSMHQDVTRGRRTEIGYLLGYACQHGQRLGLPLPRLGTLLARLQAHLRQRGL
PDR
;
_entity_poly.pdbx_strand_id   A,B,C
#
loop_
_chem_comp.id
_chem_comp.type
_chem_comp.name
_chem_comp.formula
GOL non-polymer GLYCEROL 'C3 H8 O3'
KPL non-polymer KETOPANTOATE 'C6 H10 O4'
NAD non-polymer NICOTINAMIDE-ADENINE-DINUCLEOTIDE 'C21 H27 N7 O14 P2'
#
# COMPACT_ATOMS: atom_id res chain seq x y z
N SER A 19 -15.20 44.60 -9.81
CA SER A 19 -13.94 43.88 -9.75
C SER A 19 -13.36 43.99 -8.37
N HIS A 20 -12.78 42.89 -7.88
N HIS A 20 -12.76 42.89 -7.92
CA HIS A 20 -12.16 42.92 -6.57
CA HIS A 20 -12.32 42.85 -6.52
C HIS A 20 -11.11 41.84 -6.42
C HIS A 20 -11.16 41.85 -6.41
N MET A 21 -11.05 41.21 -5.25
CA MET A 21 -9.90 40.37 -4.88
C MET A 21 -9.99 38.99 -5.50
N THR A 22 -8.87 38.54 -6.07
CA THR A 22 -8.74 37.16 -6.51
C THR A 22 -8.82 36.20 -5.32
N TRP A 23 -9.58 35.13 -5.48
CA TRP A 23 -9.61 34.03 -4.52
C TRP A 23 -8.53 33.03 -4.92
N HIS A 24 -7.41 33.03 -4.20
CA HIS A 24 -6.36 32.05 -4.42
C HIS A 24 -6.68 30.79 -3.63
N ILE A 25 -6.62 29.64 -4.29
CA ILE A 25 -6.99 28.36 -3.71
C ILE A 25 -5.74 27.50 -3.63
N LEU A 26 -5.37 27.10 -2.42
CA LEU A 26 -4.21 26.25 -2.18
C LEU A 26 -4.69 24.92 -1.60
N GLY A 27 -4.47 23.84 -2.33
CA GLY A 27 -4.97 22.55 -1.93
C GLY A 27 -6.20 22.14 -2.71
N ALA A 28 -6.01 21.79 -3.99
CA ALA A 28 -7.11 21.46 -4.88
C ALA A 28 -7.63 20.06 -4.62
N GLY A 29 -8.14 19.85 -3.41
CA GLY A 29 -8.71 18.58 -3.01
C GLY A 29 -10.21 18.56 -3.13
N SER A 30 -10.85 17.87 -2.19
CA SER A 30 -12.29 17.74 -2.20
C SER A 30 -12.96 19.09 -1.96
N LEU A 31 -12.79 19.65 -0.77
CA LEU A 31 -13.44 20.93 -0.46
C LEU A 31 -12.83 22.08 -1.25
N GLY A 32 -11.52 22.02 -1.53
CA GLY A 32 -10.89 23.10 -2.28
C GLY A 32 -11.46 23.26 -3.67
N SER A 33 -11.72 22.14 -4.35
CA SER A 33 -12.31 22.20 -5.68
C SER A 33 -13.78 22.60 -5.61
N LEU A 34 -14.49 22.14 -4.57
CA LEU A 34 -15.89 22.53 -4.40
C LEU A 34 -16.02 24.03 -4.18
N TRP A 35 -15.17 24.61 -3.35
CA TRP A 35 -15.17 26.06 -3.16
C TRP A 35 -14.72 26.77 -4.43
N ALA A 36 -13.68 26.27 -5.08
CA ALA A 36 -13.17 26.92 -6.29
C ALA A 36 -14.21 26.92 -7.39
N ALA A 37 -14.96 25.82 -7.52
CA ALA A 37 -16.00 25.75 -8.56
C ALA A 37 -17.10 26.77 -8.29
N ARG A 38 -17.62 26.81 -7.06
CA ARG A 38 -18.73 27.71 -6.76
C ARG A 38 -18.30 29.17 -6.77
N LEU A 39 -17.05 29.45 -6.41
CA LEU A 39 -16.57 30.83 -6.45
C LEU A 39 -16.36 31.30 -7.89
N GLY A 40 -15.66 30.50 -8.70
CA GLY A 40 -15.36 30.91 -10.05
C GLY A 40 -16.58 30.94 -10.96
N ARG A 41 -17.48 29.96 -10.79
CA ARG A 41 -18.67 29.92 -11.63
C ARG A 41 -19.65 31.05 -11.29
N ALA A 42 -19.51 31.67 -10.13
CA ALA A 42 -20.33 32.81 -9.74
C ALA A 42 -19.72 34.14 -10.16
N GLY A 43 -18.72 34.13 -11.05
CA GLY A 43 -18.12 35.33 -11.56
C GLY A 43 -16.96 35.89 -10.75
N LEU A 44 -16.66 35.30 -9.59
CA LEU A 44 -15.60 35.84 -8.75
C LEU A 44 -14.24 35.44 -9.29
N PRO A 45 -13.24 36.32 -9.19
CA PRO A 45 -11.88 35.94 -9.61
C PRO A 45 -11.31 34.85 -8.72
N VAL A 46 -10.85 33.76 -9.35
CA VAL A 46 -10.41 32.56 -8.66
C VAL A 46 -9.16 32.04 -9.34
N ARG A 47 -8.21 31.54 -8.54
CA ARG A 47 -6.95 31.02 -9.06
C ARG A 47 -6.52 29.83 -8.22
N LEU A 48 -6.45 28.66 -8.84
CA LEU A 48 -5.95 27.46 -8.18
C LEU A 48 -4.44 27.52 -8.09
N ILE A 49 -3.90 27.31 -6.89
CA ILE A 49 -2.46 27.17 -6.69
C ILE A 49 -2.16 25.68 -6.65
N LEU A 50 -1.58 25.15 -7.71
CA LEU A 50 -1.26 23.74 -7.79
C LEU A 50 0.16 23.48 -7.29
N ARG A 51 0.40 22.25 -6.84
CA ARG A 51 1.62 21.93 -6.12
C ARG A 51 2.87 22.24 -6.95
N ASP A 52 2.89 21.80 -8.20
CA ASP A 52 4.03 22.02 -9.06
C ASP A 52 3.58 22.12 -10.51
N ARG A 53 4.52 22.47 -11.38
CA ARG A 53 4.21 22.66 -12.79
C ARG A 53 3.75 21.37 -13.47
N GLN A 54 4.15 20.21 -12.95
CA GLN A 54 3.64 18.95 -13.50
C GLN A 54 2.15 18.82 -13.22
N ARG A 55 1.73 19.07 -11.97
CA ARG A 55 0.30 19.13 -11.66
C ARG A 55 -0.40 20.17 -12.51
N LEU A 56 0.30 21.28 -12.82
CA LEU A 56 -0.32 22.36 -13.57
C LEU A 56 -0.59 21.95 -15.00
N ARG A 57 0.40 21.35 -15.68
CA ARG A 57 0.21 20.97 -17.06
C ARG A 57 -0.66 19.73 -17.22
N ARG A 58 -0.83 18.94 -16.15
CA ARG A 58 -1.86 17.92 -16.15
C ARG A 58 -3.24 18.56 -16.09
N TYR A 59 -3.42 19.52 -15.19
CA TYR A 59 -4.69 20.21 -15.05
C TYR A 59 -5.10 20.90 -16.34
N GLN A 60 -4.13 21.42 -17.08
CA GLN A 60 -4.44 22.05 -18.36
C GLN A 60 -4.74 21.02 -19.43
N GLN A 61 -4.20 19.81 -19.31
CA GLN A 61 -4.61 18.73 -20.19
C GLN A 61 -6.02 18.25 -19.86
N ALA A 62 -6.46 18.45 -18.62
CA ALA A 62 -7.80 18.05 -18.23
C ALA A 62 -8.85 19.09 -18.60
N GLY A 63 -8.46 20.37 -18.64
CA GLY A 63 -9.35 21.44 -19.05
C GLY A 63 -9.99 22.20 -17.93
N GLY A 64 -9.94 21.70 -16.70
CA GLY A 64 -10.52 22.39 -15.57
C GLY A 64 -11.00 21.40 -14.52
N LEU A 65 -11.71 21.93 -13.55
CA LEU A 65 -12.25 21.11 -12.47
C LEU A 65 -13.58 20.50 -12.89
N SER A 66 -13.74 19.20 -12.64
CA SER A 66 -14.99 18.49 -12.93
C SER A 66 -15.74 18.28 -11.62
N LEU A 67 -16.92 18.89 -11.51
CA LEU A 67 -17.77 18.78 -10.34
C LEU A 67 -18.97 17.90 -10.67
N VAL A 68 -19.21 16.89 -9.84
CA VAL A 68 -20.30 15.94 -10.05
C VAL A 68 -21.39 16.26 -9.03
N GLU A 69 -22.56 16.64 -9.53
CA GLU A 69 -23.70 17.00 -8.69
C GLU A 69 -24.87 16.08 -9.07
N ASP A 70 -25.25 15.19 -8.16
CA ASP A 70 -26.34 14.25 -8.40
C ASP A 70 -26.13 13.49 -9.72
N GLY A 71 -24.89 13.07 -9.95
CA GLY A 71 -24.56 12.33 -11.15
C GLY A 71 -24.21 13.16 -12.36
N GLN A 72 -24.47 14.46 -12.33
CA GLN A 72 -24.20 15.34 -13.47
C GLN A 72 -22.81 15.96 -13.32
N ALA A 73 -21.95 15.74 -14.31
CA ALA A 73 -20.61 16.29 -14.32
C ALA A 73 -20.59 17.62 -15.08
N SER A 74 -19.84 18.57 -14.55
CA SER A 74 -19.69 19.88 -15.18
C SER A 74 -18.24 20.31 -15.08
N LEU A 75 -17.71 20.84 -16.18
CA LEU A 75 -16.32 21.28 -16.26
C LEU A 75 -16.25 22.78 -15.98
N TYR A 76 -15.34 23.16 -15.09
CA TYR A 76 -15.13 24.57 -14.74
C TYR A 76 -13.70 24.97 -15.07
N PRO A 77 -13.48 25.67 -16.19
CA PRO A 77 -12.10 25.99 -16.61
C PRO A 77 -11.48 27.10 -15.77
N ILE A 78 -11.24 26.82 -14.50
CA ILE A 78 -10.69 27.79 -13.57
C ILE A 78 -9.20 27.96 -13.84
N ALA A 79 -8.75 29.22 -13.82
CA ALA A 79 -7.32 29.50 -14.00
C ALA A 79 -6.52 28.94 -12.82
N ALA A 80 -5.32 28.45 -13.13
CA ALA A 80 -4.48 27.82 -12.13
C ALA A 80 -3.03 28.25 -12.33
N GLU A 81 -2.20 27.98 -11.33
CA GLU A 81 -0.80 28.36 -11.36
C GLU A 81 -0.04 27.54 -10.32
N THR A 82 1.25 27.77 -10.24
CA THR A 82 2.16 27.16 -9.27
C THR A 82 2.47 28.14 -8.16
N PRO A 83 3.05 27.67 -7.03
CA PRO A 83 3.31 28.60 -5.92
C PRO A 83 4.36 29.65 -6.20
N ASP A 84 5.19 29.48 -7.24
CA ASP A 84 6.28 30.44 -7.44
C ASP A 84 5.88 31.61 -8.33
N GLY A 85 5.10 31.37 -9.37
CA GLY A 85 4.63 32.45 -10.22
C GLY A 85 3.39 33.12 -9.65
N GLY A 86 2.92 34.13 -10.38
CA GLY A 86 1.65 34.77 -10.06
C GLY A 86 1.83 36.10 -9.35
N GLN A 87 0.68 36.72 -9.09
CA GLN A 87 0.58 38.03 -8.46
C GLN A 87 0.50 37.88 -6.94
N PRO A 88 0.58 38.99 -6.20
CA PRO A 88 0.41 38.91 -4.75
C PRO A 88 -0.91 38.24 -4.36
N ILE A 89 -0.91 37.63 -3.17
CA ILE A 89 -2.06 36.92 -2.64
C ILE A 89 -2.62 37.75 -1.49
N GLN A 90 -3.82 38.31 -1.69
CA GLN A 90 -4.50 39.08 -0.65
C GLN A 90 -5.58 38.27 0.06
N ARG A 91 -6.04 37.18 -0.53
CA ARG A 91 -7.05 36.33 0.09
C ARG A 91 -6.81 34.90 -0.38
N LEU A 92 -6.62 33.99 0.57
CA LEU A 92 -6.21 32.63 0.27
C LEU A 92 -7.09 31.64 1.02
N LEU A 93 -7.56 30.61 0.32
CA LEU A 93 -8.34 29.53 0.92
C LEU A 93 -7.44 28.30 1.02
N LEU A 94 -7.00 27.99 2.23
CA LEU A 94 -6.19 26.82 2.48
C LEU A 94 -7.12 25.63 2.71
N ALA A 95 -7.05 24.63 1.82
CA ALA A 95 -8.01 23.53 1.84
C ALA A 95 -7.32 22.18 1.81
N CYS A 96 -6.15 22.07 2.43
CA CYS A 96 -5.44 20.82 2.53
C CYS A 96 -5.73 20.17 3.88
N LYS A 97 -5.14 18.99 4.10
CA LYS A 97 -5.25 18.33 5.38
C LYS A 97 -4.57 19.17 6.47
N ALA A 98 -4.93 18.87 7.73
CA ALA A 98 -4.34 19.60 8.84
C ALA A 98 -2.85 19.32 8.96
N TYR A 99 -2.40 18.11 8.64
CA TYR A 99 -0.98 17.79 8.73
C TYR A 99 -0.15 18.38 7.60
N ASP A 100 -0.79 19.03 6.62
CA ASP A 100 -0.08 19.69 5.54
C ASP A 100 -0.27 21.21 5.54
N ALA A 101 -1.05 21.75 6.48
CA ALA A 101 -1.41 23.16 6.42
C ALA A 101 -0.19 24.06 6.59
N GLU A 102 0.65 23.77 7.59
CA GLU A 102 1.82 24.59 7.83
C GLU A 102 2.77 24.57 6.65
N GLU A 103 3.03 23.37 6.10
CA GLU A 103 3.91 23.27 4.94
C GLU A 103 3.27 23.90 3.71
N ALA A 104 1.95 23.78 3.57
CA ALA A 104 1.26 24.36 2.42
C ALA A 104 1.32 25.89 2.44
N ALA A 105 0.98 26.49 3.59
CA ALA A 105 0.98 27.94 3.69
C ALA A 105 2.38 28.51 3.49
N SER A 106 3.40 27.79 3.95
CA SER A 106 4.78 28.26 3.81
C SER A 106 5.21 28.33 2.36
N SER A 107 4.67 27.45 1.51
CA SER A 107 5.07 27.43 0.10
C SER A 107 4.67 28.71 -0.63
N VAL A 108 3.74 29.49 -0.08
CA VAL A 108 3.31 30.75 -0.68
C VAL A 108 3.53 31.92 0.26
N ALA A 109 4.32 31.74 1.33
CA ALA A 109 4.61 32.85 2.23
C ALA A 109 5.31 33.99 1.51
N HIS A 110 6.09 33.68 0.47
CA HIS A 110 6.75 34.71 -0.32
C HIS A 110 5.78 35.49 -1.19
N ARG A 111 4.51 35.10 -1.24
CA ARG A 111 3.51 35.81 -2.05
C ARG A 111 2.42 36.48 -1.24
N LEU A 112 2.40 36.32 0.08
CA LEU A 112 1.40 37.01 0.89
C LEU A 112 1.70 38.50 0.93
N ALA A 113 0.66 39.30 1.12
CA ALA A 113 0.73 40.73 0.88
C ALA A 113 0.75 41.59 2.14
N GLY A 114 0.57 41.01 3.32
CA GLY A 114 0.53 41.81 4.54
C GLY A 114 -0.88 42.16 4.95
N ASN A 115 -1.69 42.59 3.98
CA ASN A 115 -3.14 42.66 4.17
C ASN A 115 -3.81 41.30 4.02
N ALA A 116 -3.03 40.27 3.68
CA ALA A 116 -3.58 39.01 3.24
C ALA A 116 -4.42 38.35 4.32
N GLU A 117 -5.54 37.76 3.91
CA GLU A 117 -6.40 36.98 4.77
C GLU A 117 -6.39 35.53 4.33
N LEU A 118 -6.42 34.61 5.30
CA LEU A 118 -6.35 33.19 5.04
C LEU A 118 -7.59 32.51 5.59
N LEU A 119 -8.24 31.72 4.74
CA LEU A 119 -9.39 30.91 5.16
C LEU A 119 -8.90 29.49 5.37
N LEU A 120 -8.97 29.03 6.62
CA LEU A 120 -8.36 27.75 7.02
C LEU A 120 -9.44 26.69 7.09
N LEU A 121 -9.59 25.93 6.01
CA LEU A 121 -10.55 24.83 5.94
C LEU A 121 -9.93 23.53 6.43
N GLN A 122 -9.45 23.56 7.67
CA GLN A 122 -8.84 22.39 8.29
C GLN A 122 -9.70 21.92 9.46
N ASN A 123 -9.95 20.60 9.51
CA ASN A 123 -10.61 20.04 10.66
C ASN A 123 -9.67 20.00 11.86
N GLY A 124 -10.25 19.85 13.04
CA GLY A 124 -9.47 19.80 14.25
C GLY A 124 -8.76 21.11 14.53
N LEU A 125 -7.85 21.03 15.49
CA LEU A 125 -7.10 22.20 15.94
C LEU A 125 -5.62 21.85 16.02
N GLY A 126 -4.79 22.89 15.88
CA GLY A 126 -3.35 22.70 15.88
C GLY A 126 -2.70 23.33 14.67
N SER A 127 -3.18 22.97 13.48
CA SER A 127 -2.61 23.51 12.26
C SER A 127 -2.91 25.00 12.11
N GLN A 128 -4.12 25.42 12.48
CA GLN A 128 -4.49 26.82 12.38
C GLN A 128 -3.56 27.69 13.21
N GLN A 129 -3.32 27.28 14.46
CA GLN A 129 -2.38 28.01 15.30
C GLN A 129 -0.97 27.95 14.72
N ALA A 130 -0.56 26.78 14.21
CA ALA A 130 0.76 26.63 13.64
C ALA A 130 0.89 27.42 12.33
N VAL A 131 -0.19 27.50 11.55
CA VAL A 131 -0.15 28.32 10.33
C VAL A 131 -0.06 29.79 10.69
N ALA A 132 -0.86 30.23 11.66
CA ALA A 132 -0.83 31.63 12.08
C ALA A 132 0.51 32.00 12.69
N ALA A 133 1.17 31.05 13.36
CA ALA A 133 2.46 31.35 13.97
C ALA A 133 3.53 31.63 12.91
N ARG A 134 3.44 30.98 11.75
CA ARG A 134 4.45 31.15 10.71
C ARG A 134 4.13 32.27 9.74
N LEU A 135 2.88 32.74 9.72
CA LEU A 135 2.46 33.87 8.90
C LEU A 135 1.89 34.96 9.81
N PRO A 136 2.76 35.67 10.55
CA PRO A 136 2.27 36.64 11.53
C PRO A 136 1.74 37.91 10.89
N ARG A 137 2.34 38.32 9.77
CA ARG A 137 1.85 39.50 9.03
C ARG A 137 0.55 39.24 8.29
N SER A 138 -0.16 38.13 8.54
CA SER A 138 -1.36 37.80 7.79
C SER A 138 -2.47 37.41 8.75
N ARG A 139 -3.70 37.62 8.31
CA ARG A 139 -4.88 37.31 9.11
C ARG A 139 -5.33 35.88 8.79
N CYS A 140 -5.41 35.05 9.82
CA CYS A 140 -5.80 33.65 9.68
C CYS A 140 -7.20 33.47 10.26
N LEU A 141 -8.18 33.23 9.39
CA LEU A 141 -9.56 32.99 9.81
C LEU A 141 -9.82 31.51 9.91
N PHE A 142 -10.58 31.11 10.93
CA PHE A 142 -10.83 29.70 11.21
C PHE A 142 -12.16 29.28 10.61
N ALA A 143 -12.17 28.10 9.98
CA ALA A 143 -13.36 27.57 9.33
C ALA A 143 -13.72 26.21 9.93
N SER A 144 -15.03 25.92 9.93
CA SER A 144 -15.54 24.62 10.36
C SER A 144 -16.68 24.26 9.43
N SER A 145 -16.51 23.18 8.66
CA SER A 145 -17.43 22.85 7.57
C SER A 145 -18.00 21.45 7.75
N THR A 146 -19.25 21.29 7.34
CA THR A 146 -19.92 19.98 7.33
C THR A 146 -20.31 19.58 5.92
N GLU A 147 -19.73 20.19 4.90
CA GLU A 147 -20.02 19.84 3.52
C GLU A 147 -19.29 18.56 3.12
N GLY A 148 -20.00 17.68 2.42
CA GLY A 148 -19.44 16.42 1.97
C GLY A 148 -18.94 16.52 0.54
N ALA A 149 -17.69 16.08 0.33
CA ALA A 149 -17.08 16.07 -0.99
C ALA A 149 -15.93 15.08 -0.97
N PHE A 150 -15.82 14.29 -2.03
CA PHE A 150 -14.74 13.32 -2.16
C PHE A 150 -14.22 13.30 -3.59
N ARG A 151 -12.95 12.94 -3.72
CA ARG A 151 -12.31 12.94 -5.03
C ARG A 151 -12.64 11.66 -5.79
N ASP A 152 -12.91 11.80 -7.09
CA ASP A 152 -13.11 10.65 -7.96
C ASP A 152 -12.11 10.72 -9.10
N GLY A 153 -10.83 10.74 -8.76
CA GLY A 153 -9.79 11.00 -9.73
C GLY A 153 -9.29 12.43 -9.63
N ASP A 154 -8.14 12.67 -10.26
CA ASP A 154 -7.53 14.00 -10.24
C ASP A 154 -8.44 15.01 -10.94
N PHE A 155 -8.69 16.12 -10.26
CA PHE A 155 -9.48 17.24 -10.77
C PHE A 155 -10.95 16.90 -10.95
N ARG A 156 -11.43 15.82 -10.32
CA ARG A 156 -12.84 15.45 -10.32
C ARG A 156 -13.29 15.28 -8.88
N VAL A 157 -14.31 16.03 -8.48
CA VAL A 157 -14.83 16.00 -7.12
C VAL A 157 -16.35 15.85 -7.19
N VAL A 158 -16.89 14.99 -6.33
CA VAL A 158 -18.33 14.79 -6.23
C VAL A 158 -18.83 15.63 -5.06
N PHE A 159 -19.77 16.54 -5.33
CA PHE A 159 -20.49 17.24 -4.28
C PHE A 159 -21.43 16.25 -3.59
N ALA A 160 -20.95 15.55 -2.57
CA ALA A 160 -21.69 14.44 -2.00
C ALA A 160 -22.85 14.91 -1.13
N GLY A 161 -22.60 15.84 -0.22
CA GLY A 161 -23.64 16.31 0.67
C GLY A 161 -23.55 17.79 0.97
N ARG A 162 -24.69 18.45 1.08
CA ARG A 162 -24.72 19.86 1.41
C ARG A 162 -24.46 20.05 2.91
N GLY A 163 -23.83 21.17 3.24
CA GLY A 163 -23.47 21.45 4.62
C GLY A 163 -23.38 22.93 4.92
N HIS A 164 -22.66 23.28 5.97
CA HIS A 164 -22.55 24.66 6.42
C HIS A 164 -21.14 24.90 6.94
N THR A 165 -20.64 26.13 6.74
CA THR A 165 -19.28 26.49 7.09
C THR A 165 -19.29 27.70 8.02
N TRP A 166 -18.84 27.50 9.26
CA TRP A 166 -18.71 28.59 10.21
C TRP A 166 -17.36 29.28 10.02
N LEU A 167 -17.37 30.60 9.96
CA LEU A 167 -16.16 31.39 9.82
C LEU A 167 -15.99 32.31 11.03
N GLY A 168 -14.74 32.60 11.35
CA GLY A 168 -14.46 33.46 12.49
C GLY A 168 -12.98 33.64 12.78
N ASP A 169 -12.64 34.78 13.37
CA ASP A 169 -11.26 35.10 13.76
C ASP A 169 -11.24 35.33 15.26
N PRO A 170 -10.48 34.53 16.03
CA PRO A 170 -10.46 34.75 17.48
C PRO A 170 -9.85 36.08 17.88
N ARG A 171 -8.93 36.62 17.08
CA ARG A 171 -8.33 37.92 17.39
C ARG A 171 -9.19 39.07 16.90
N ASP A 172 -9.61 39.01 15.63
CA ASP A 172 -10.34 40.09 14.98
C ASP A 172 -11.77 39.62 14.73
N THR A 173 -12.64 39.84 15.71
CA THR A 173 -14.00 39.31 15.67
C THR A 173 -14.93 40.08 14.75
N ASN A 174 -14.49 41.14 14.09
CA ASN A 174 -15.36 41.81 13.13
C ASN A 174 -15.39 41.02 11.82
N ALA A 175 -16.57 40.91 11.24
CA ALA A 175 -16.73 40.10 10.04
C ALA A 175 -16.24 40.87 8.81
N PRO A 176 -15.49 40.21 7.93
CA PRO A 176 -15.07 40.87 6.70
C PRO A 176 -16.26 41.12 5.78
N ALA A 177 -16.10 42.12 4.92
CA ALA A 177 -17.17 42.50 4.00
C ALA A 177 -17.28 41.57 2.80
N TRP A 178 -16.32 40.66 2.60
CA TRP A 178 -16.38 39.74 1.48
C TRP A 178 -17.23 38.50 1.77
N LEU A 179 -17.89 38.44 2.93
CA LEU A 179 -18.76 37.31 3.23
C LEU A 179 -19.90 37.21 2.22
N THR A 180 -20.45 38.36 1.81
CA THR A 180 -21.57 38.35 0.87
C THR A 180 -21.16 37.83 -0.51
N GLN A 181 -19.86 37.87 -0.85
CA GLN A 181 -19.39 37.20 -2.05
C GLN A 181 -19.61 35.71 -1.95
N LEU A 182 -19.34 35.13 -0.77
CA LEU A 182 -19.67 33.73 -0.55
C LEU A 182 -21.18 33.49 -0.65
N SER A 183 -21.98 34.46 -0.20
CA SER A 183 -23.42 34.33 -0.35
C SER A 183 -23.82 34.32 -1.82
N GLN A 184 -23.18 35.16 -2.64
CA GLN A 184 -23.45 35.16 -4.07
C GLN A 184 -23.07 33.82 -4.71
N ALA A 185 -22.02 33.18 -4.21
CA ALA A 185 -21.53 31.93 -4.77
C ALA A 185 -22.29 30.72 -4.28
N GLY A 186 -23.32 30.89 -3.45
CA GLY A 186 -24.06 29.77 -2.94
C GLY A 186 -23.26 28.91 -1.97
N ILE A 187 -22.33 29.51 -1.23
CA ILE A 187 -21.54 28.80 -0.23
C ILE A 187 -22.14 29.13 1.14
N PRO A 188 -22.99 28.27 1.70
CA PRO A 188 -23.66 28.60 2.95
C PRO A 188 -22.66 28.74 4.09
N HIS A 189 -22.76 29.87 4.80
CA HIS A 189 -21.81 30.19 5.86
C HIS A 189 -22.50 31.08 6.89
N SER A 190 -21.97 31.04 8.11
CA SER A 190 -22.38 31.94 9.18
C SER A 190 -21.15 32.41 9.93
N TRP A 191 -21.07 33.71 10.17
CA TRP A 191 -19.98 34.25 10.97
C TRP A 191 -20.22 33.94 12.45
N SER A 192 -19.15 33.60 13.15
CA SER A 192 -19.22 33.28 14.56
C SER A 192 -18.17 34.11 15.29
N ASP A 193 -18.60 34.77 16.37
CA ASP A 193 -17.66 35.56 17.16
C ASP A 193 -16.80 34.69 18.06
N ASP A 194 -17.34 33.59 18.56
CA ASP A 194 -16.57 32.60 19.30
C ASP A 194 -16.40 31.37 18.40
N ILE A 195 -15.47 31.49 17.45
CA ILE A 195 -15.22 30.39 16.52
C ILE A 195 -14.53 29.23 17.21
N LEU A 196 -13.71 29.52 18.23
CA LEU A 196 -13.05 28.44 18.97
C LEU A 196 -14.06 27.52 19.64
N GLU A 197 -15.20 28.06 20.08
CA GLU A 197 -16.25 27.22 20.64
C GLU A 197 -16.82 26.27 19.61
N ARG A 198 -16.90 26.73 18.34
CA ARG A 198 -17.37 25.88 17.26
C ARG A 198 -16.40 24.73 17.01
N LEU A 199 -15.15 25.05 16.70
CA LEU A 199 -14.16 24.02 16.39
C LEU A 199 -13.99 23.03 17.53
N TRP A 200 -14.13 23.49 18.78
CA TRP A 200 -14.03 22.58 19.91
C TRP A 200 -15.22 21.64 19.99
N ARG A 201 -16.40 22.09 19.52
CA ARG A 201 -17.56 21.21 19.49
C ARG A 201 -17.39 20.10 18.46
N LYS A 202 -16.91 20.45 17.26
CA LYS A 202 -16.69 19.46 16.23
C LYS A 202 -15.57 18.49 16.61
N LEU A 203 -14.55 18.99 17.32
CA LEU A 203 -13.45 18.13 17.74
C LEU A 203 -13.92 17.13 18.78
N ALA A 204 -14.62 17.60 19.81
CA ALA A 204 -15.09 16.70 20.86
C ALA A 204 -16.02 15.63 20.30
N LEU A 205 -16.86 16.00 19.33
CA LEU A 205 -17.71 15.02 18.67
C LEU A 205 -16.86 14.00 17.92
N ASN A 206 -15.78 14.46 17.29
CA ASN A 206 -14.89 13.57 16.54
C ASN A 206 -14.23 12.55 17.47
N CYS A 207 -13.78 13.00 18.64
CA CYS A 207 -13.06 12.11 19.56
C CYS A 207 -13.97 11.03 20.12
N ALA A 208 -15.24 11.35 20.35
CA ALA A 208 -16.15 10.37 20.93
C ALA A 208 -16.55 9.28 19.95
N ILE A 209 -16.45 9.55 18.64
CA ILE A 209 -16.99 8.67 17.61
C ILE A 209 -15.88 8.02 16.79
N ASN A 210 -15.03 8.83 16.16
CA ASN A 210 -14.10 8.30 15.16
C ASN A 210 -13.10 7.28 15.71
N PRO A 211 -12.40 7.53 16.83
CA PRO A 211 -11.42 6.52 17.28
C PRO A 211 -12.01 5.14 17.51
N LEU A 212 -13.22 5.06 18.06
CA LEU A 212 -13.82 3.74 18.31
C LEU A 212 -14.30 3.10 17.01
N THR A 213 -14.69 3.90 16.02
CA THR A 213 -15.08 3.32 14.73
C THR A 213 -13.92 2.62 14.05
N VAL A 214 -12.69 3.12 14.25
CA VAL A 214 -11.52 2.48 13.67
C VAL A 214 -11.13 1.25 14.47
N LEU A 215 -11.11 1.37 15.80
CA LEU A 215 -10.73 0.25 16.65
C LEU A 215 -11.72 -0.90 16.56
N HIS A 216 -12.98 -0.62 16.27
CA HIS A 216 -14.01 -1.64 16.18
C HIS A 216 -14.44 -1.94 14.75
N ASP A 217 -13.86 -1.25 13.77
CA ASP A 217 -14.10 -1.54 12.35
C ASP A 217 -15.59 -1.53 12.03
N CYS A 218 -16.30 -0.56 12.57
CA CYS A 218 -17.75 -0.50 12.48
C CYS A 218 -18.20 0.84 11.90
N ARG A 219 -19.38 0.83 11.30
CA ARG A 219 -20.02 2.08 10.94
C ARG A 219 -20.44 2.84 12.21
N ASN A 220 -20.75 4.12 12.04
CA ASN A 220 -21.11 4.94 13.20
C ASN A 220 -22.29 4.37 13.97
N GLY A 221 -23.17 3.63 13.28
CA GLY A 221 -24.26 2.97 13.97
C GLY A 221 -23.83 1.79 14.82
N GLY A 222 -22.61 1.29 14.62
CA GLY A 222 -22.11 0.20 15.45
C GLY A 222 -21.76 0.62 16.86
N LEU A 223 -21.59 1.91 17.11
CA LEU A 223 -21.26 2.40 18.44
C LEU A 223 -22.43 2.32 19.41
N ARG A 224 -23.63 2.03 18.93
CA ARG A 224 -24.75 1.76 19.84
C ARG A 224 -24.48 0.53 20.69
N GLN A 225 -23.71 -0.42 20.16
CA GLN A 225 -23.32 -1.62 20.90
C GLN A 225 -22.21 -1.34 21.91
N HIS A 226 -21.84 -0.08 22.11
CA HIS A 226 -20.84 0.31 23.10
C HIS A 226 -21.35 1.49 23.92
N PRO A 227 -22.47 1.33 24.61
CA PRO A 227 -23.06 2.50 25.28
C PRO A 227 -22.24 3.04 26.43
N GLU A 228 -21.69 2.16 27.29
CA GLU A 228 -20.92 2.61 28.43
C GLU A 228 -19.65 3.33 27.98
N GLU A 229 -18.92 2.73 27.03
CA GLU A 229 -17.65 3.30 26.60
C GLU A 229 -17.84 4.67 25.94
N ILE A 230 -18.92 4.84 25.20
CA ILE A 230 -19.22 6.14 24.60
C ILE A 230 -19.50 7.18 25.68
N ALA A 231 -20.13 6.78 26.77
CA ALA A 231 -20.49 7.73 27.82
C ALA A 231 -19.26 8.19 28.60
N ALA A 232 -18.33 7.27 28.88
CA ALA A 232 -17.14 7.64 29.66
C ALA A 232 -16.22 8.55 28.87
N LEU A 233 -16.18 8.40 27.54
CA LEU A 233 -15.40 9.32 26.72
C LEU A 233 -16.04 10.70 26.69
N CYS A 234 -17.35 10.75 26.46
CA CYS A 234 -18.07 12.01 26.57
C CYS A 234 -17.98 12.58 27.98
N ASP A 235 -17.87 11.71 28.98
CA ASP A 235 -17.63 12.15 30.34
C ASP A 235 -16.32 12.93 30.44
N GLU A 236 -15.22 12.35 29.94
CA GLU A 236 -13.94 13.03 30.01
C GLU A 236 -13.86 14.16 29.00
N LEU A 237 -14.42 13.97 27.80
CA LEU A 237 -14.52 15.08 26.86
C LEU A 237 -15.44 16.19 27.40
N GLY A 238 -16.33 15.86 28.33
CA GLY A 238 -17.13 16.90 28.96
C GLY A 238 -16.32 17.75 29.92
N GLN A 239 -15.46 17.12 30.72
CA GLN A 239 -14.59 17.88 31.61
C GLN A 239 -13.64 18.77 30.82
N LEU A 240 -13.16 18.28 29.68
CA LEU A 240 -12.21 19.04 28.88
C LEU A 240 -12.84 20.32 28.34
N LEU A 241 -14.07 20.22 27.83
CA LEU A 241 -14.76 21.41 27.32
C LEU A 241 -15.10 22.39 28.43
N HIS A 242 -15.56 21.88 29.57
CA HIS A 242 -15.91 22.74 30.69
C HIS A 242 -14.69 23.51 31.18
N ALA A 243 -13.56 22.82 31.36
CA ALA A 243 -12.33 23.49 31.77
C ALA A 243 -11.78 24.40 30.70
N SER A 244 -12.25 24.29 29.46
CA SER A 244 -11.79 25.14 28.36
C SER A 244 -12.66 26.38 28.17
N GLY A 245 -13.70 26.54 28.98
CA GLY A 245 -14.57 27.70 28.89
C GLY A 245 -15.85 27.50 28.11
N TYR A 246 -16.19 26.27 27.75
CA TYR A 246 -17.38 25.98 26.94
C TYR A 246 -18.28 25.05 27.74
N ASP A 247 -19.00 25.62 28.71
CA ASP A 247 -19.92 24.81 29.51
C ASP A 247 -21.10 24.33 28.68
N ALA A 248 -21.56 25.15 27.73
CA ALA A 248 -22.68 24.75 26.88
C ALA A 248 -22.32 23.52 26.05
N ALA A 249 -21.17 23.56 25.38
CA ALA A 249 -20.71 22.40 24.61
C ALA A 249 -20.57 21.18 25.50
N ALA A 250 -20.02 21.36 26.70
CA ALA A 250 -19.85 20.24 27.62
C ALA A 250 -21.18 19.68 28.09
N ARG A 251 -22.22 20.53 28.14
CA ARG A 251 -23.52 20.08 28.64
C ARG A 251 -24.25 19.22 27.63
N SER A 252 -24.41 19.73 26.41
CA SER A 252 -25.12 19.01 25.36
C SER A 252 -24.26 17.94 24.70
N LEU A 253 -23.01 17.76 25.14
CA LEU A 253 -22.06 16.94 24.39
C LEU A 253 -22.56 15.52 24.20
N LEU A 254 -22.95 14.85 25.28
CA LEU A 254 -23.36 13.44 25.17
C LEU A 254 -24.57 13.29 24.27
N GLU A 255 -25.60 14.12 24.47
CA GLU A 255 -26.78 14.06 23.62
C GLU A 255 -26.45 14.45 22.19
N ASP A 256 -25.49 15.38 22.00
CA ASP A 256 -25.06 15.70 20.64
C ASP A 256 -24.31 14.55 20.00
N VAL A 257 -23.57 13.77 20.80
CA VAL A 257 -22.91 12.59 20.27
C VAL A 257 -23.93 11.53 19.89
N ARG A 258 -24.85 11.22 20.80
CA ARG A 258 -25.89 10.23 20.50
C ARG A 258 -26.77 10.68 19.34
N ALA A 259 -26.93 11.99 19.16
CA ALA A 259 -27.75 12.48 18.04
C ALA A 259 -27.06 12.20 16.71
N VAL A 260 -25.77 12.53 16.60
CA VAL A 260 -25.04 12.35 15.35
C VAL A 260 -24.93 10.87 15.00
N ILE A 261 -24.89 10.00 16.01
CA ILE A 261 -24.69 8.57 15.76
C ILE A 261 -25.85 8.01 14.94
N ASP A 262 -27.08 8.19 15.43
CA ASP A 262 -28.24 7.68 14.69
C ASP A 262 -28.41 8.38 13.35
N ALA A 263 -27.98 9.64 13.26
CA ALA A 263 -28.10 10.37 12.00
C ALA A 263 -27.10 9.89 10.96
N THR A 264 -25.95 9.37 11.40
CA THR A 264 -24.91 8.87 10.51
C THR A 264 -24.68 7.38 10.70
N ALA A 265 -25.70 6.66 11.19
CA ALA A 265 -25.56 5.26 11.54
C ALA A 265 -25.09 4.39 10.38
N ALA A 266 -25.35 4.80 9.14
CA ALA A 266 -25.00 3.98 7.99
C ALA A 266 -23.63 4.30 7.42
N ASN A 267 -23.04 5.44 7.77
CA ASN A 267 -21.77 5.85 7.20
C ASN A 267 -20.61 5.25 7.99
N TYR A 268 -19.49 5.07 7.30
CA TYR A 268 -18.19 4.91 7.96
C TYR A 268 -17.59 6.28 8.18
N SER A 269 -16.97 6.47 9.34
CA SER A 269 -16.43 7.79 9.67
C SER A 269 -15.26 8.13 8.75
N SER A 270 -14.91 9.42 8.74
CA SER A 270 -13.81 9.89 7.89
C SER A 270 -12.50 9.21 8.28
N MET A 271 -12.27 9.01 9.58
CA MET A 271 -11.03 8.35 10.00
C MET A 271 -11.05 6.87 9.69
N HIS A 272 -12.23 6.23 9.75
CA HIS A 272 -12.34 4.85 9.30
C HIS A 272 -12.05 4.74 7.81
N GLN A 273 -12.49 5.75 7.04
CA GLN A 273 -12.23 5.74 5.60
C GLN A 273 -10.76 6.04 5.30
N ASP A 274 -10.11 6.86 6.12
CA ASP A 274 -8.69 7.14 5.92
C ASP A 274 -7.86 5.87 6.12
N VAL A 275 -8.14 5.12 7.19
CA VAL A 275 -7.39 3.91 7.48
C VAL A 275 -7.68 2.84 6.44
N THR A 276 -8.94 2.74 5.99
CA THR A 276 -9.29 1.77 4.96
C THR A 276 -8.48 1.97 3.69
N ARG A 277 -8.27 3.24 3.30
CA ARG A 277 -7.51 3.56 2.11
C ARG A 277 -6.00 3.59 2.35
N GLY A 278 -5.55 3.23 3.55
CA GLY A 278 -4.13 3.26 3.85
C GLY A 278 -3.52 4.64 3.84
N ARG A 279 -4.27 5.65 4.27
CA ARG A 279 -3.79 7.03 4.27
C ARG A 279 -3.61 7.52 5.71
N ARG A 280 -2.89 8.63 5.82
CA ARG A 280 -2.68 9.26 7.11
C ARG A 280 -3.99 9.83 7.64
N THR A 281 -4.15 9.76 8.96
CA THR A 281 -5.30 10.36 9.63
C THR A 281 -4.92 11.74 10.16
N GLU A 282 -5.94 12.47 10.61
CA GLU A 282 -5.74 13.74 11.28
C GLU A 282 -5.79 13.59 12.80
N ILE A 283 -5.29 12.46 13.31
CA ILE A 283 -5.34 12.16 14.74
C ILE A 283 -4.56 13.19 15.55
N GLY A 284 -3.47 13.72 14.98
CA GLY A 284 -2.67 14.70 15.69
C GLY A 284 -3.36 16.04 15.90
N TYR A 285 -4.48 16.28 15.24
CA TYR A 285 -5.24 17.52 15.38
C TYR A 285 -6.63 17.26 15.92
N LEU A 286 -6.93 16.01 16.29
CA LEU A 286 -8.23 15.66 16.85
C LEU A 286 -7.99 15.03 18.21
N LEU A 287 -7.97 13.70 18.31
CA LEU A 287 -7.83 13.04 19.60
C LEU A 287 -6.48 13.34 20.24
N GLY A 288 -5.42 13.43 19.42
CA GLY A 288 -4.12 13.79 19.96
C GLY A 288 -4.08 15.21 20.49
N TYR A 289 -4.69 16.15 19.76
CA TYR A 289 -4.73 17.53 20.22
C TYR A 289 -5.54 17.66 21.51
N ALA A 290 -6.69 16.97 21.57
CA ALA A 290 -7.51 17.02 22.78
C ALA A 290 -6.76 16.48 23.99
N CYS A 291 -6.01 15.39 23.79
CA CYS A 291 -5.18 14.87 24.88
C CYS A 291 -4.05 15.85 25.22
N GLN A 292 -3.46 16.46 24.19
CA GLN A 292 -2.43 17.47 24.43
C GLN A 292 -2.98 18.64 25.23
N HIS A 293 -4.20 19.09 24.91
CA HIS A 293 -4.78 20.22 25.62
C HIS A 293 -5.14 19.86 27.05
N GLY A 294 -5.61 18.62 27.27
CA GLY A 294 -5.93 18.21 28.63
C GLY A 294 -4.71 18.19 29.54
N GLN A 295 -3.61 17.65 29.04
CA GLN A 295 -2.36 17.66 29.80
C GLN A 295 -1.90 19.09 30.06
N ARG A 296 -2.07 19.97 29.08
CA ARG A 296 -1.72 21.38 29.28
C ARG A 296 -2.60 22.03 30.33
N LEU A 297 -3.86 21.62 30.43
CA LEU A 297 -4.77 22.12 31.46
C LEU A 297 -4.59 21.39 32.79
N GLY A 298 -3.59 20.52 32.92
CA GLY A 298 -3.44 19.73 34.14
C GLY A 298 -4.64 18.87 34.45
N LEU A 299 -5.37 18.43 33.42
CA LEU A 299 -6.62 17.70 33.60
C LEU A 299 -6.41 16.23 33.28
N PRO A 300 -6.45 15.34 34.26
CA PRO A 300 -6.29 13.90 33.97
C PRO A 300 -7.44 13.38 33.12
N LEU A 301 -7.10 12.91 31.93
CA LEU A 301 -8.07 12.33 30.99
C LEU A 301 -7.58 10.93 30.63
N PRO A 302 -7.75 9.97 31.54
CA PRO A 302 -7.12 8.66 31.33
C PRO A 302 -7.78 7.81 30.26
N ARG A 303 -9.11 7.89 30.10
CA ARG A 303 -9.77 7.05 29.11
C ARG A 303 -9.54 7.55 27.69
N LEU A 304 -9.49 8.87 27.50
CA LEU A 304 -9.01 9.41 26.23
C LEU A 304 -7.54 9.08 26.01
N GLY A 305 -6.78 8.92 27.09
CA GLY A 305 -5.37 8.58 26.95
C GLY A 305 -5.16 7.16 26.47
N THR A 306 -5.88 6.21 27.09
CA THR A 306 -5.80 4.83 26.61
C THR A 306 -6.44 4.67 25.23
N LEU A 307 -7.50 5.45 24.96
CA LEU A 307 -8.07 5.46 23.61
C LEU A 307 -7.05 5.94 22.59
N LEU A 308 -6.31 7.01 22.92
CA LEU A 308 -5.27 7.50 22.03
C LEU A 308 -4.16 6.46 21.85
N ALA A 309 -3.82 5.74 22.93
CA ALA A 309 -2.77 4.74 22.84
C ALA A 309 -3.18 3.58 21.95
N ARG A 310 -4.41 3.09 22.11
CA ARG A 310 -4.89 1.98 21.29
C ARG A 310 -4.99 2.38 19.82
N LEU A 311 -5.39 3.63 19.56
CA LEU A 311 -5.54 4.08 18.17
C LEU A 311 -4.19 4.30 17.50
N GLN A 312 -3.19 4.78 18.25
CA GLN A 312 -1.86 4.95 17.68
C GLN A 312 -1.22 3.60 17.36
N ALA A 313 -1.39 2.62 18.25
CA ALA A 313 -0.87 1.29 17.98
C ALA A 313 -1.63 0.62 16.84
N HIS A 314 -2.94 0.91 16.72
CA HIS A 314 -3.70 0.40 15.60
C HIS A 314 -3.18 0.97 14.28
N LEU A 315 -2.77 2.23 14.28
CA LEU A 315 -2.25 2.86 13.07
C LEU A 315 -0.87 2.31 12.72
N ARG A 316 0.04 2.25 13.71
CA ARG A 316 1.37 1.72 13.46
C ARG A 316 1.32 0.28 12.95
N GLN A 317 0.37 -0.51 13.48
CA GLN A 317 0.21 -1.90 13.06
C GLN A 317 0.01 -2.03 11.56
N ARG A 318 -0.46 -0.97 10.89
CA ARG A 318 -0.70 -0.98 9.46
C ARG A 318 0.29 -0.12 8.69
N GLY A 319 1.38 0.31 9.31
CA GLY A 319 2.35 1.14 8.63
C GLY A 319 1.91 2.57 8.39
N LEU A 320 0.86 3.01 9.07
CA LEU A 320 0.32 4.35 8.95
C LEU A 320 0.92 5.27 10.02
N PRO A 321 1.07 6.55 9.72
CA PRO A 321 1.55 7.50 10.74
C PRO A 321 0.58 7.57 11.91
N ASP A 322 1.14 7.49 13.12
CA ASP A 322 0.35 7.63 14.33
C ASP A 322 0.22 9.08 14.78
N ARG A 323 0.52 10.03 13.89
CA ARG A 323 0.46 11.45 14.22
C ARG A 323 -0.10 12.24 13.04
N SER B 19 5.44 -19.58 -13.05
CA SER B 19 6.72 -19.23 -13.63
C SER B 19 6.77 -19.72 -15.07
N HIS B 20 6.91 -18.72 -15.95
N HIS B 20 6.95 -18.82 -16.04
CA HIS B 20 6.86 -18.68 -17.40
CA HIS B 20 6.81 -19.05 -17.47
C HIS B 20 5.44 -18.83 -17.94
C HIS B 20 5.37 -18.73 -17.88
N MET B 21 5.20 -18.21 -19.11
CA MET B 21 3.91 -17.79 -19.63
C MET B 21 3.49 -16.55 -18.85
N THR B 22 3.96 -15.39 -19.31
CA THR B 22 3.74 -14.13 -18.61
C THR B 22 2.24 -13.85 -18.49
N TRP B 23 1.84 -13.32 -17.34
CA TRP B 23 0.47 -12.84 -17.14
C TRP B 23 0.39 -11.42 -17.64
N HIS B 24 -0.04 -11.27 -18.90
CA HIS B 24 -0.32 -9.95 -19.45
C HIS B 24 -1.66 -9.48 -18.94
N ILE B 25 -1.69 -8.25 -18.41
CA ILE B 25 -2.89 -7.72 -17.75
C ILE B 25 -3.32 -6.46 -18.49
N LEU B 26 -4.50 -6.50 -19.08
CA LEU B 26 -5.07 -5.40 -19.84
C LEU B 26 -6.23 -4.82 -19.06
N GLY B 27 -6.10 -3.56 -18.66
CA GLY B 27 -7.10 -2.95 -17.80
C GLY B 27 -6.62 -2.83 -16.37
N ALA B 28 -5.72 -1.87 -16.12
CA ALA B 28 -5.11 -1.71 -14.80
C ALA B 28 -6.01 -0.88 -13.88
N GLY B 29 -7.17 -1.44 -13.58
CA GLY B 29 -8.13 -0.83 -12.69
C GLY B 29 -8.16 -1.51 -11.34
N SER B 30 -9.35 -1.54 -10.73
CA SER B 30 -9.51 -2.11 -9.40
C SER B 30 -9.21 -3.60 -9.39
N LEU B 31 -9.97 -4.37 -10.17
CA LEU B 31 -9.76 -5.81 -10.21
C LEU B 31 -8.40 -6.16 -10.79
N GLY B 32 -8.01 -5.47 -11.88
CA GLY B 32 -6.77 -5.82 -12.55
C GLY B 32 -5.56 -5.66 -11.65
N SER B 33 -5.47 -4.52 -10.95
CA SER B 33 -4.35 -4.30 -10.06
C SER B 33 -4.36 -5.26 -8.88
N LEU B 34 -5.55 -5.67 -8.43
CA LEU B 34 -5.65 -6.65 -7.35
C LEU B 34 -5.06 -7.99 -7.78
N TRP B 35 -5.35 -8.41 -9.01
CA TRP B 35 -4.75 -9.64 -9.52
C TRP B 35 -3.27 -9.46 -9.83
N ALA B 36 -2.91 -8.29 -10.39
CA ALA B 36 -1.53 -8.05 -10.78
C ALA B 36 -0.60 -8.05 -9.56
N ALA B 37 -1.02 -7.38 -8.49
CA ALA B 37 -0.18 -7.32 -7.30
C ALA B 37 0.02 -8.70 -6.68
N ARG B 38 -1.06 -9.49 -6.59
CA ARG B 38 -0.97 -10.81 -5.96
C ARG B 38 -0.15 -11.78 -6.82
N LEU B 39 -0.39 -11.80 -8.13
CA LEU B 39 0.40 -12.65 -9.01
C LEU B 39 1.86 -12.22 -9.00
N GLY B 40 2.12 -10.92 -9.06
CA GLY B 40 3.50 -10.44 -9.13
C GLY B 40 4.28 -10.70 -7.85
N ARG B 41 3.66 -10.40 -6.71
CA ARG B 41 4.36 -10.58 -5.45
C ARG B 41 4.60 -12.05 -5.10
N ALA B 42 3.81 -12.95 -5.68
CA ALA B 42 4.03 -14.38 -5.48
C ALA B 42 5.15 -14.94 -6.34
N GLY B 43 5.77 -14.12 -7.19
CA GLY B 43 6.84 -14.57 -8.04
C GLY B 43 6.45 -14.96 -9.45
N LEU B 44 5.23 -14.67 -9.86
CA LEU B 44 4.73 -15.04 -11.19
C LEU B 44 4.97 -13.89 -12.17
N PRO B 45 5.47 -14.21 -13.37
CA PRO B 45 5.72 -13.16 -14.36
C PRO B 45 4.44 -12.43 -14.74
N VAL B 46 4.48 -11.10 -14.62
CA VAL B 46 3.30 -10.26 -14.82
C VAL B 46 3.72 -9.02 -15.61
N ARG B 47 2.89 -8.62 -16.57
CA ARG B 47 3.16 -7.45 -17.40
C ARG B 47 1.85 -6.69 -17.59
N LEU B 48 1.78 -5.50 -17.01
CA LEU B 48 0.62 -4.64 -17.23
C LEU B 48 0.63 -4.08 -18.64
N ILE B 49 -0.54 -4.03 -19.26
CA ILE B 49 -0.71 -3.42 -20.57
C ILE B 49 -1.55 -2.16 -20.35
N LEU B 50 -0.89 -1.01 -20.37
CA LEU B 50 -1.56 0.27 -20.15
C LEU B 50 -2.08 0.82 -21.47
N ARG B 51 -2.94 1.84 -21.36
CA ARG B 51 -3.71 2.26 -22.53
C ARG B 51 -2.83 2.95 -23.58
N ASP B 52 -1.87 3.75 -23.15
CA ASP B 52 -1.08 4.54 -24.09
C ASP B 52 0.25 4.92 -23.43
N ARG B 53 1.04 5.72 -24.15
CA ARG B 53 2.34 6.15 -23.64
C ARG B 53 2.19 7.11 -22.46
N GLN B 54 1.12 7.91 -22.44
CA GLN B 54 0.93 8.84 -21.34
C GLN B 54 0.69 8.11 -20.03
N ARG B 55 -0.20 7.11 -20.05
CA ARG B 55 -0.44 6.32 -18.85
C ARG B 55 0.77 5.48 -18.47
N LEU B 56 1.63 5.16 -19.44
CA LEU B 56 2.84 4.42 -19.13
C LEU B 56 3.88 5.33 -18.48
N ARG B 57 3.98 6.58 -18.93
CA ARG B 57 4.86 7.53 -18.27
C ARG B 57 4.35 7.88 -16.88
N ARG B 58 3.03 7.97 -16.72
CA ARG B 58 2.45 8.22 -15.41
C ARG B 58 2.72 7.05 -14.46
N TYR B 59 2.60 5.83 -14.96
CA TYR B 59 2.87 4.66 -14.12
C TYR B 59 4.34 4.59 -13.73
N GLN B 60 5.24 4.96 -14.64
CA GLN B 60 6.66 4.97 -14.31
C GLN B 60 6.99 6.07 -13.31
N GLN B 61 6.22 7.17 -13.31
CA GLN B 61 6.38 8.17 -12.27
C GLN B 61 5.96 7.63 -10.91
N ALA B 62 4.85 6.89 -10.86
CA ALA B 62 4.41 6.31 -9.60
C ALA B 62 5.34 5.21 -9.12
N GLY B 63 5.98 4.49 -10.05
CA GLY B 63 6.92 3.45 -9.71
C GLY B 63 6.35 2.05 -9.59
N GLY B 64 5.04 1.92 -9.50
CA GLY B 64 4.43 0.60 -9.42
C GLY B 64 3.00 0.68 -8.93
N LEU B 65 2.40 -0.50 -8.82
CA LEU B 65 1.03 -0.62 -8.34
C LEU B 65 1.00 -0.61 -6.81
N SER B 66 0.14 0.22 -6.25
CA SER B 66 -0.06 0.30 -4.81
C SER B 66 -1.35 -0.42 -4.44
N LEU B 67 -1.24 -1.46 -3.61
CA LEU B 67 -2.38 -2.23 -3.16
C LEU B 67 -2.53 -2.06 -1.66
N VAL B 68 -3.75 -1.74 -1.21
CA VAL B 68 -4.04 -1.53 0.20
C VAL B 68 -4.77 -2.76 0.73
N GLU B 69 -4.24 -3.35 1.79
CA GLU B 69 -4.81 -4.56 2.39
C GLU B 69 -4.96 -4.34 3.90
N ASP B 70 -6.20 -4.28 4.36
CA ASP B 70 -6.53 -4.11 5.77
C ASP B 70 -5.74 -2.96 6.39
N GLY B 71 -5.70 -1.83 5.67
CA GLY B 71 -5.03 -0.64 6.12
C GLY B 71 -3.60 -0.49 5.67
N GLN B 72 -2.93 -1.58 5.31
CA GLN B 72 -1.53 -1.52 4.93
C GLN B 72 -1.39 -1.39 3.43
N ALA B 73 -0.56 -0.43 3.00
CA ALA B 73 -0.29 -0.19 1.59
C ALA B 73 1.03 -0.84 1.19
N SER B 74 1.05 -1.44 0.00
CA SER B 74 2.25 -2.02 -0.57
C SER B 74 2.36 -1.62 -2.03
N LEU B 75 3.56 -1.22 -2.44
CA LEU B 75 3.83 -0.87 -3.82
C LEU B 75 4.66 -1.98 -4.46
N TYR B 76 4.30 -2.34 -5.68
CA TYR B 76 4.97 -3.43 -6.41
C TYR B 76 5.50 -2.92 -7.73
N PRO B 77 6.82 -2.88 -7.94
CA PRO B 77 7.37 -2.37 -9.20
C PRO B 77 7.09 -3.29 -10.38
N ILE B 78 5.80 -3.47 -10.68
CA ILE B 78 5.40 -4.39 -11.74
C ILE B 78 5.72 -3.78 -13.10
N ALA B 79 6.25 -4.60 -14.00
CA ALA B 79 6.56 -4.14 -15.35
C ALA B 79 5.28 -3.82 -16.12
N ALA B 80 5.34 -2.77 -16.93
CA ALA B 80 4.19 -2.33 -17.70
C ALA B 80 4.64 -1.97 -19.11
N GLU B 81 3.67 -1.82 -20.00
CA GLU B 81 3.94 -1.51 -21.40
C GLU B 81 2.67 -0.98 -22.04
N THR B 82 2.79 -0.61 -23.32
CA THR B 82 1.71 -0.13 -24.17
C THR B 82 1.24 -1.23 -25.10
N PRO B 83 0.02 -1.14 -25.64
CA PRO B 83 -0.50 -2.24 -26.46
C PRO B 83 0.24 -2.42 -27.77
N ASP B 84 0.80 -1.36 -28.34
CA ASP B 84 1.44 -1.47 -29.64
C ASP B 84 2.68 -2.36 -29.59
N GLY B 85 3.67 -1.96 -28.80
CA GLY B 85 4.90 -2.72 -28.71
C GLY B 85 4.88 -3.73 -27.57
N GLY B 86 5.62 -4.80 -27.75
CA GLY B 86 5.70 -5.84 -26.74
C GLY B 86 6.10 -7.17 -27.35
N GLN B 87 5.80 -8.23 -26.60
CA GLN B 87 6.12 -9.60 -26.97
C GLN B 87 4.84 -10.38 -27.25
N PRO B 88 4.95 -11.57 -27.85
CA PRO B 88 3.76 -12.41 -28.04
C PRO B 88 3.02 -12.65 -26.74
N ILE B 89 1.70 -12.48 -26.79
CA ILE B 89 0.83 -12.63 -25.62
C ILE B 89 0.28 -14.05 -25.62
N GLN B 90 0.62 -14.81 -24.58
CA GLN B 90 0.13 -16.17 -24.43
C GLN B 90 -0.93 -16.33 -23.35
N ARG B 91 -1.00 -15.40 -22.41
CA ARG B 91 -2.00 -15.45 -21.35
C ARG B 91 -2.36 -14.03 -20.97
N LEU B 92 -3.63 -13.67 -21.12
CA LEU B 92 -4.08 -12.29 -20.95
C LEU B 92 -5.26 -12.24 -20.01
N LEU B 93 -5.16 -11.39 -18.98
CA LEU B 93 -6.26 -11.11 -18.08
C LEU B 93 -6.91 -9.80 -18.52
N LEU B 94 -8.18 -9.86 -18.89
CA LEU B 94 -8.92 -8.69 -19.33
C LEU B 94 -9.75 -8.18 -18.15
N ALA B 95 -9.41 -6.99 -17.64
CA ALA B 95 -10.00 -6.46 -16.43
C ALA B 95 -10.54 -5.05 -16.62
N CYS B 96 -10.98 -4.72 -17.82
CA CYS B 96 -11.61 -3.42 -18.07
C CYS B 96 -13.12 -3.55 -17.90
N LYS B 97 -13.83 -2.43 -18.01
CA LYS B 97 -15.28 -2.46 -17.97
C LYS B 97 -15.83 -3.20 -19.18
N ALA B 98 -17.06 -3.70 -19.04
CA ALA B 98 -17.65 -4.53 -20.08
C ALA B 98 -17.79 -3.77 -21.40
N TYR B 99 -18.08 -2.47 -21.34
CA TYR B 99 -18.23 -1.66 -22.55
C TYR B 99 -16.91 -1.32 -23.21
N ASP B 100 -15.79 -1.75 -22.63
CA ASP B 100 -14.47 -1.58 -23.24
C ASP B 100 -13.82 -2.90 -23.62
N ALA B 101 -14.49 -4.03 -23.39
CA ALA B 101 -13.86 -5.33 -23.56
C ALA B 101 -13.53 -5.62 -25.03
N GLU B 102 -14.50 -5.38 -25.92
CA GLU B 102 -14.27 -5.63 -27.34
C GLU B 102 -13.17 -4.72 -27.89
N GLU B 103 -13.21 -3.44 -27.53
CA GLU B 103 -12.19 -2.51 -28.00
C GLU B 103 -10.81 -2.87 -27.47
N ALA B 104 -10.74 -3.25 -26.19
CA ALA B 104 -9.44 -3.59 -25.60
C ALA B 104 -8.85 -4.85 -26.21
N ALA B 105 -9.71 -5.84 -26.52
CA ALA B 105 -9.22 -7.04 -27.19
C ALA B 105 -8.75 -6.75 -28.60
N SER B 106 -9.40 -5.82 -29.30
CA SER B 106 -8.95 -5.43 -30.63
C SER B 106 -7.56 -4.79 -30.59
N SER B 107 -7.24 -4.08 -29.52
CA SER B 107 -5.97 -3.36 -29.44
C SER B 107 -4.77 -4.26 -29.27
N VAL B 108 -4.96 -5.53 -28.90
CA VAL B 108 -3.85 -6.44 -28.68
C VAL B 108 -4.05 -7.73 -29.47
N ALA B 109 -4.98 -7.69 -30.44
CA ALA B 109 -5.22 -8.88 -31.26
C ALA B 109 -4.01 -9.26 -32.10
N HIS B 110 -3.17 -8.28 -32.45
CA HIS B 110 -2.01 -8.55 -33.27
C HIS B 110 -0.89 -9.26 -32.51
N ARG B 111 -0.96 -9.31 -31.18
CA ARG B 111 0.06 -9.96 -30.37
C ARG B 111 -0.35 -11.30 -29.81
N LEU B 112 -1.60 -11.71 -29.99
CA LEU B 112 -2.05 -13.01 -29.47
C LEU B 112 -1.29 -14.14 -30.17
N ALA B 113 -0.81 -15.09 -29.36
CA ALA B 113 0.16 -16.07 -29.85
C ALA B 113 -0.45 -17.13 -30.76
N GLY B 114 -1.72 -17.46 -30.58
CA GLY B 114 -2.30 -18.55 -31.35
C GLY B 114 -2.77 -19.65 -30.41
N ASN B 115 -1.96 -19.91 -29.38
CA ASN B 115 -2.39 -20.65 -28.22
C ASN B 115 -2.85 -19.74 -27.09
N ALA B 116 -3.19 -18.49 -27.42
CA ALA B 116 -3.48 -17.49 -26.42
C ALA B 116 -4.75 -17.83 -25.64
N GLU B 117 -4.71 -17.56 -24.34
CA GLU B 117 -5.85 -17.73 -23.47
C GLU B 117 -6.17 -16.39 -22.81
N LEU B 118 -7.45 -16.03 -22.80
CA LEU B 118 -7.91 -14.77 -22.23
C LEU B 118 -8.84 -15.08 -21.07
N LEU B 119 -8.58 -14.44 -19.93
CA LEU B 119 -9.44 -14.54 -18.75
C LEU B 119 -10.25 -13.26 -18.64
N LEU B 120 -11.55 -13.37 -18.90
CA LEU B 120 -12.44 -12.22 -18.94
C LEU B 120 -13.09 -12.03 -17.57
N LEU B 121 -12.85 -10.88 -16.95
CA LEU B 121 -13.40 -10.55 -15.64
C LEU B 121 -14.64 -9.66 -15.72
N GLN B 122 -15.12 -9.36 -16.92
CA GLN B 122 -16.19 -8.39 -17.07
C GLN B 122 -17.47 -8.88 -16.42
N ASN B 123 -18.21 -7.95 -15.82
CA ASN B 123 -19.48 -8.27 -15.19
C ASN B 123 -20.57 -8.43 -16.25
N GLY B 124 -21.66 -9.08 -15.85
CA GLY B 124 -22.78 -9.24 -16.75
C GLY B 124 -22.47 -10.17 -17.91
N LEU B 125 -23.21 -9.98 -19.00
CA LEU B 125 -23.11 -10.83 -20.18
C LEU B 125 -23.18 -9.97 -21.43
N GLY B 126 -22.65 -10.51 -22.52
CA GLY B 126 -22.61 -9.80 -23.78
C GLY B 126 -21.20 -9.41 -24.18
N SER B 127 -20.46 -8.82 -23.24
CA SER B 127 -19.08 -8.43 -23.52
C SER B 127 -18.19 -9.65 -23.75
N GLN B 128 -18.46 -10.76 -23.06
CA GLN B 128 -17.63 -11.95 -23.21
C GLN B 128 -17.83 -12.58 -24.59
N GLN B 129 -19.09 -12.76 -25.00
CA GLN B 129 -19.37 -13.38 -26.29
C GLN B 129 -18.85 -12.51 -27.44
N ALA B 130 -18.85 -11.18 -27.27
CA ALA B 130 -18.30 -10.31 -28.28
C ALA B 130 -16.79 -10.48 -28.41
N VAL B 131 -16.11 -10.68 -27.27
CA VAL B 131 -14.67 -10.91 -27.30
C VAL B 131 -14.36 -12.27 -27.92
N ALA B 132 -15.10 -13.29 -27.52
CA ALA B 132 -14.88 -14.63 -28.05
C ALA B 132 -15.16 -14.72 -29.54
N ALA B 133 -15.98 -13.82 -30.08
CA ALA B 133 -16.22 -13.76 -31.51
C ALA B 133 -15.22 -12.88 -32.24
N ARG B 134 -14.64 -11.89 -31.55
CA ARG B 134 -13.59 -11.08 -32.14
C ARG B 134 -12.31 -11.88 -32.32
N LEU B 135 -12.06 -12.84 -31.43
CA LEU B 135 -10.86 -13.67 -31.45
C LEU B 135 -11.26 -15.14 -31.42
N PRO B 136 -11.77 -15.67 -32.54
CA PRO B 136 -12.20 -17.07 -32.55
C PRO B 136 -11.04 -18.06 -32.45
N ARG B 137 -9.82 -17.65 -32.76
CA ARG B 137 -8.69 -18.56 -32.69
C ARG B 137 -8.20 -18.76 -31.25
N SER B 138 -8.44 -17.79 -30.38
CA SER B 138 -7.96 -17.84 -29.01
C SER B 138 -9.05 -18.35 -28.07
N ARG B 139 -8.62 -18.92 -26.95
CA ARG B 139 -9.54 -19.43 -25.94
C ARG B 139 -9.92 -18.30 -24.99
N CYS B 140 -11.23 -18.15 -24.75
CA CYS B 140 -11.76 -17.08 -23.91
C CYS B 140 -12.46 -17.68 -22.71
N LEU B 141 -11.76 -17.73 -21.57
CA LEU B 141 -12.37 -18.20 -20.34
C LEU B 141 -13.17 -17.09 -19.68
N PHE B 142 -14.30 -17.46 -19.09
CA PHE B 142 -15.17 -16.51 -18.42
C PHE B 142 -14.97 -16.60 -16.91
N ALA B 143 -15.26 -15.50 -16.22
CA ALA B 143 -15.05 -15.42 -14.79
C ALA B 143 -16.18 -14.62 -14.13
N SER B 144 -16.37 -14.90 -12.84
CA SER B 144 -17.34 -14.17 -12.02
C SER B 144 -16.72 -14.02 -10.64
N SER B 145 -16.51 -12.77 -10.21
CA SER B 145 -15.79 -12.48 -8.97
C SER B 145 -16.73 -11.79 -7.98
N THR B 146 -16.69 -12.25 -6.73
CA THR B 146 -17.35 -11.57 -5.63
C THR B 146 -16.37 -10.74 -4.79
N GLU B 147 -15.14 -10.55 -5.28
CA GLU B 147 -14.17 -9.72 -4.60
C GLU B 147 -14.50 -8.24 -4.77
N GLY B 148 -14.14 -7.46 -3.76
CA GLY B 148 -14.38 -6.02 -3.78
C GLY B 148 -13.06 -5.27 -3.79
N ALA B 149 -12.97 -4.30 -4.70
CA ALA B 149 -11.78 -3.46 -4.83
C ALA B 149 -12.18 -2.16 -5.52
N PHE B 150 -11.69 -1.05 -5.01
CA PHE B 150 -11.90 0.25 -5.62
C PHE B 150 -10.57 0.98 -5.72
N ARG B 151 -10.51 1.94 -6.64
CA ARG B 151 -9.30 2.72 -6.83
C ARG B 151 -9.32 3.95 -5.93
N ASP B 152 -8.17 4.23 -5.35
CA ASP B 152 -7.94 5.41 -4.49
C ASP B 152 -6.74 6.19 -5.00
N GLY B 153 -6.65 6.31 -6.32
CA GLY B 153 -5.50 6.89 -6.99
C GLY B 153 -5.30 6.23 -8.34
N ASP B 154 -4.39 6.76 -9.16
CA ASP B 154 -4.21 6.23 -10.51
C ASP B 154 -3.84 4.75 -10.48
N PHE B 155 -2.85 4.39 -9.67
CA PHE B 155 -2.38 3.02 -9.54
C PHE B 155 -2.42 2.58 -8.09
N ARG B 156 -3.46 3.02 -7.38
CA ARG B 156 -3.66 2.70 -5.98
C ARG B 156 -5.04 2.05 -5.85
N VAL B 157 -5.05 0.81 -5.36
CA VAL B 157 -6.26 -0.01 -5.28
C VAL B 157 -6.40 -0.54 -3.87
N VAL B 158 -7.60 -0.42 -3.30
CA VAL B 158 -7.90 -0.92 -1.97
C VAL B 158 -8.59 -2.25 -2.10
N PHE B 159 -8.05 -3.28 -1.44
CA PHE B 159 -8.68 -4.59 -1.38
C PHE B 159 -9.76 -4.52 -0.31
N ALA B 160 -10.96 -4.11 -0.73
CA ALA B 160 -12.04 -3.83 0.21
C ALA B 160 -12.63 -5.12 0.78
N GLY B 161 -13.11 -6.02 -0.08
CA GLY B 161 -13.80 -7.20 0.40
C GLY B 161 -13.22 -8.51 -0.08
N ARG B 162 -12.96 -9.43 0.85
CA ARG B 162 -12.57 -10.77 0.48
C ARG B 162 -13.70 -11.47 -0.26
N GLY B 163 -13.33 -12.26 -1.27
CA GLY B 163 -14.33 -12.92 -2.08
C GLY B 163 -13.86 -14.19 -2.74
N HIS B 164 -14.34 -14.45 -3.96
CA HIS B 164 -14.07 -15.69 -4.65
C HIS B 164 -14.34 -15.50 -6.13
N THR B 165 -13.55 -16.17 -6.96
CA THR B 165 -13.66 -16.08 -8.41
C THR B 165 -14.00 -17.45 -8.98
N TRP B 166 -15.08 -17.53 -9.76
CA TRP B 166 -15.47 -18.76 -10.42
C TRP B 166 -15.00 -18.75 -11.87
N LEU B 167 -14.43 -19.87 -12.30
CA LEU B 167 -13.80 -19.99 -13.61
C LEU B 167 -14.49 -21.05 -14.46
N GLY B 168 -14.51 -20.83 -15.77
CA GLY B 168 -15.11 -21.79 -16.67
C GLY B 168 -14.92 -21.37 -18.11
N ASP B 169 -15.30 -22.28 -19.00
CA ASP B 169 -15.25 -22.09 -20.45
C ASP B 169 -16.35 -22.93 -21.09
N PRO B 170 -17.30 -22.31 -21.81
CA PRO B 170 -18.39 -23.09 -22.42
C PRO B 170 -17.90 -24.03 -23.51
N ARG B 171 -17.06 -23.54 -24.41
CA ARG B 171 -16.60 -24.36 -25.52
C ARG B 171 -15.73 -25.52 -25.05
N ASP B 172 -14.82 -25.24 -24.12
CA ASP B 172 -13.79 -26.23 -23.74
C ASP B 172 -14.29 -27.16 -22.65
N THR B 173 -14.39 -26.65 -21.42
CA THR B 173 -14.74 -27.32 -20.16
C THR B 173 -13.57 -28.08 -19.57
N ASN B 174 -12.38 -28.04 -20.17
CA ASN B 174 -11.19 -28.63 -19.56
C ASN B 174 -10.49 -27.57 -18.71
N ALA B 175 -10.21 -27.93 -17.47
CA ALA B 175 -9.54 -27.00 -16.57
C ALA B 175 -8.13 -26.69 -17.07
N PRO B 176 -7.68 -25.46 -16.93
CA PRO B 176 -6.32 -25.11 -17.36
C PRO B 176 -5.28 -25.50 -16.32
N ALA B 177 -4.02 -25.56 -16.78
CA ALA B 177 -2.93 -25.93 -15.90
C ALA B 177 -2.53 -24.80 -14.97
N TRP B 178 -2.70 -23.54 -15.38
CA TRP B 178 -2.26 -22.40 -14.60
C TRP B 178 -3.17 -22.10 -13.40
N LEU B 179 -4.16 -22.95 -13.13
CA LEU B 179 -4.99 -22.75 -11.94
C LEU B 179 -4.16 -22.84 -10.67
N THR B 180 -3.06 -23.59 -10.70
CA THR B 180 -2.16 -23.66 -9.54
C THR B 180 -1.53 -22.31 -9.25
N GLN B 181 -1.25 -21.53 -10.28
CA GLN B 181 -0.63 -20.22 -10.08
C GLN B 181 -1.56 -19.29 -9.32
N LEU B 182 -2.86 -19.36 -9.58
CA LEU B 182 -3.81 -18.53 -8.85
C LEU B 182 -3.81 -18.87 -7.37
N SER B 183 -3.79 -20.16 -7.03
CA SER B 183 -3.72 -20.56 -5.63
C SER B 183 -2.37 -20.19 -5.02
N GLN B 184 -1.30 -20.29 -5.81
CA GLN B 184 0.01 -19.83 -5.34
C GLN B 184 -0.01 -18.36 -4.99
N ALA B 185 -0.66 -17.55 -5.83
CA ALA B 185 -0.82 -16.12 -5.56
C ALA B 185 -1.87 -15.82 -4.51
N GLY B 186 -2.52 -16.85 -3.97
CA GLY B 186 -3.53 -16.65 -2.94
C GLY B 186 -4.83 -16.05 -3.44
N ILE B 187 -5.27 -16.45 -4.63
CA ILE B 187 -6.50 -15.95 -5.23
C ILE B 187 -7.57 -17.02 -5.06
N PRO B 188 -8.56 -16.83 -4.18
CA PRO B 188 -9.61 -17.84 -4.02
C PRO B 188 -10.38 -18.06 -5.32
N HIS B 189 -10.35 -19.29 -5.82
CA HIS B 189 -10.96 -19.61 -7.10
C HIS B 189 -11.49 -21.03 -7.08
N SER B 190 -12.48 -21.28 -7.94
CA SER B 190 -13.03 -22.62 -8.11
C SER B 190 -13.54 -22.76 -9.53
N TRP B 191 -13.11 -23.84 -10.19
CA TRP B 191 -13.55 -24.10 -11.56
C TRP B 191 -15.04 -24.43 -11.59
N SER B 192 -15.75 -23.83 -12.54
CA SER B 192 -17.19 -23.99 -12.65
C SER B 192 -17.54 -24.97 -13.77
N ASP B 193 -18.51 -25.84 -13.49
CA ASP B 193 -18.98 -26.78 -14.51
C ASP B 193 -19.85 -26.06 -15.54
N ASP B 194 -20.67 -25.11 -15.09
CA ASP B 194 -21.51 -24.28 -15.96
C ASP B 194 -21.31 -22.84 -15.51
N ILE B 195 -20.37 -22.14 -16.15
CA ILE B 195 -20.05 -20.78 -15.72
C ILE B 195 -21.09 -19.78 -16.23
N LEU B 196 -21.72 -20.07 -17.38
CA LEU B 196 -22.81 -19.21 -17.83
C LEU B 196 -24.00 -19.26 -16.89
N GLU B 197 -24.15 -20.36 -16.16
CA GLU B 197 -25.21 -20.47 -15.16
C GLU B 197 -25.01 -19.44 -14.05
N ARG B 198 -23.78 -19.31 -13.57
CA ARG B 198 -23.49 -18.36 -12.50
C ARG B 198 -23.53 -16.92 -12.99
N LEU B 199 -23.12 -16.68 -14.24
CA LEU B 199 -23.22 -15.34 -14.80
C LEU B 199 -24.66 -14.88 -14.90
N TRP B 200 -25.56 -15.79 -15.31
CA TRP B 200 -26.98 -15.44 -15.37
C TRP B 200 -27.56 -15.24 -13.98
N ARG B 201 -27.13 -16.05 -13.01
CA ARG B 201 -27.50 -15.79 -11.63
C ARG B 201 -27.04 -14.41 -11.18
N LYS B 202 -25.79 -14.06 -11.53
CA LYS B 202 -25.25 -12.76 -11.14
C LYS B 202 -25.98 -11.63 -11.83
N LEU B 203 -26.30 -11.80 -13.12
CA LEU B 203 -27.01 -10.76 -13.87
C LEU B 203 -28.41 -10.56 -13.34
N ALA B 204 -29.12 -11.65 -13.05
CA ALA B 204 -30.49 -11.54 -12.53
C ALA B 204 -30.49 -10.87 -11.15
N LEU B 205 -29.56 -11.25 -10.28
CA LEU B 205 -29.42 -10.59 -8.99
C LEU B 205 -29.16 -9.10 -9.16
N ASN B 206 -28.37 -8.74 -10.17
CA ASN B 206 -28.07 -7.33 -10.42
C ASN B 206 -29.29 -6.57 -10.89
N CYS B 207 -30.10 -7.18 -11.76
CA CYS B 207 -31.25 -6.48 -12.33
C CYS B 207 -32.32 -6.21 -11.29
N ALA B 208 -32.49 -7.09 -10.31
CA ALA B 208 -33.53 -6.90 -9.31
C ALA B 208 -33.19 -5.79 -8.33
N ILE B 209 -31.90 -5.55 -8.08
CA ILE B 209 -31.46 -4.66 -7.02
C ILE B 209 -30.92 -3.33 -7.58
N ASN B 210 -29.91 -3.40 -8.44
CA ASN B 210 -29.16 -2.20 -8.80
C ASN B 210 -29.99 -1.12 -9.47
N PRO B 211 -30.79 -1.40 -10.51
CA PRO B 211 -31.55 -0.30 -11.14
C PRO B 211 -32.47 0.43 -10.18
N LEU B 212 -33.10 -0.28 -9.23
CA LEU B 212 -33.99 0.38 -8.29
C LEU B 212 -33.22 1.21 -7.27
N THR B 213 -32.01 0.80 -6.91
CA THR B 213 -31.19 1.61 -6.01
C THR B 213 -30.76 2.91 -6.69
N VAL B 214 -30.56 2.88 -8.00
CA VAL B 214 -30.24 4.10 -8.73
C VAL B 214 -31.48 4.99 -8.84
N LEU B 215 -32.63 4.39 -9.13
CA LEU B 215 -33.84 5.17 -9.37
C LEU B 215 -34.40 5.77 -8.08
N HIS B 216 -34.18 5.12 -6.94
CA HIS B 216 -34.67 5.61 -5.66
C HIS B 216 -33.58 6.24 -4.81
N ASP B 217 -32.34 6.25 -5.29
CA ASP B 217 -31.19 6.83 -4.58
C ASP B 217 -31.16 6.34 -3.14
N CYS B 218 -31.07 5.02 -2.99
CA CYS B 218 -31.11 4.39 -1.68
C CYS B 218 -30.06 3.29 -1.61
N ARG B 219 -29.71 2.91 -0.39
CA ARG B 219 -28.89 1.73 -0.18
C ARG B 219 -29.72 0.48 -0.43
N ASN B 220 -29.04 -0.67 -0.41
CA ASN B 220 -29.75 -1.94 -0.68
C ASN B 220 -30.89 -2.15 0.29
N GLY B 221 -30.67 -1.85 1.58
CA GLY B 221 -31.73 -1.94 2.56
C GLY B 221 -32.92 -1.05 2.28
N GLY B 222 -32.72 0.01 1.50
CA GLY B 222 -33.84 0.84 1.09
C GLY B 222 -34.84 0.12 0.20
N LEU B 223 -34.42 -0.98 -0.43
CA LEU B 223 -35.33 -1.76 -1.26
C LEU B 223 -36.32 -2.58 -0.44
N ARG B 224 -36.10 -2.71 0.87
CA ARG B 224 -37.07 -3.39 1.72
C ARG B 224 -38.43 -2.71 1.67
N GLN B 225 -38.45 -1.40 1.45
CA GLN B 225 -39.70 -0.65 1.31
C GLN B 225 -40.31 -0.79 -0.07
N HIS B 226 -39.81 -1.71 -0.91
CA HIS B 226 -40.37 -1.95 -2.23
C HIS B 226 -40.52 -3.45 -2.51
N PRO B 227 -41.18 -4.20 -1.61
CA PRO B 227 -41.25 -5.66 -1.80
C PRO B 227 -42.16 -6.08 -2.93
N GLU B 228 -43.17 -5.28 -3.30
CA GLU B 228 -44.04 -5.65 -4.41
C GLU B 228 -43.32 -5.54 -5.75
N GLU B 229 -42.69 -4.39 -6.01
CA GLU B 229 -41.99 -4.20 -7.27
C GLU B 229 -40.85 -5.20 -7.43
N ILE B 230 -40.14 -5.50 -6.34
CA ILE B 230 -39.07 -6.48 -6.40
C ILE B 230 -39.63 -7.88 -6.66
N ALA B 231 -40.78 -8.19 -6.04
CA ALA B 231 -41.38 -9.51 -6.26
C ALA B 231 -41.75 -9.71 -7.73
N ALA B 232 -42.33 -8.68 -8.36
CA ALA B 232 -42.75 -8.81 -9.75
C ALA B 232 -41.57 -8.78 -10.72
N LEU B 233 -40.52 -8.02 -10.39
CA LEU B 233 -39.32 -8.04 -11.23
C LEU B 233 -38.64 -9.39 -11.18
N CYS B 234 -38.59 -10.01 -10.01
CA CYS B 234 -38.05 -11.36 -9.90
C CYS B 234 -38.91 -12.39 -10.61
N ASP B 235 -40.20 -12.09 -10.81
CA ASP B 235 -41.05 -12.99 -11.56
C ASP B 235 -40.66 -13.02 -13.03
N GLU B 236 -40.46 -11.83 -13.63
CA GLU B 236 -40.03 -11.77 -15.03
C GLU B 236 -38.62 -12.30 -15.20
N LEU B 237 -37.70 -11.93 -14.29
CA LEU B 237 -36.35 -12.48 -14.35
C LEU B 237 -36.36 -13.99 -14.16
N GLY B 238 -37.33 -14.51 -13.41
CA GLY B 238 -37.47 -15.95 -13.31
C GLY B 238 -37.92 -16.58 -14.62
N GLN B 239 -38.87 -15.94 -15.31
CA GLN B 239 -39.27 -16.40 -16.62
C GLN B 239 -38.11 -16.34 -17.61
N LEU B 240 -37.27 -15.31 -17.49
CA LEU B 240 -36.14 -15.15 -18.40
C LEU B 240 -35.07 -16.20 -18.12
N LEU B 241 -34.80 -16.49 -16.85
CA LEU B 241 -33.85 -17.54 -16.50
C LEU B 241 -34.38 -18.91 -16.90
N HIS B 242 -35.70 -19.12 -16.77
CA HIS B 242 -36.28 -20.40 -17.16
C HIS B 242 -36.13 -20.65 -18.65
N ALA B 243 -36.40 -19.64 -19.47
CA ALA B 243 -36.27 -19.78 -20.91
C ALA B 243 -34.82 -19.92 -21.34
N SER B 244 -33.88 -19.47 -20.52
CA SER B 244 -32.46 -19.56 -20.84
C SER B 244 -31.82 -20.87 -20.42
N GLY B 245 -32.57 -21.75 -19.75
CA GLY B 245 -32.08 -23.05 -19.36
C GLY B 245 -31.57 -23.16 -17.94
N TYR B 246 -31.93 -22.23 -17.06
CA TYR B 246 -31.45 -22.22 -15.67
C TYR B 246 -32.65 -22.02 -14.75
N ASP B 247 -33.45 -23.09 -14.61
CA ASP B 247 -34.70 -22.99 -13.85
C ASP B 247 -34.47 -22.98 -12.35
N ALA B 248 -33.41 -23.65 -11.87
CA ALA B 248 -33.13 -23.66 -10.44
C ALA B 248 -32.93 -22.25 -9.90
N ALA B 249 -32.24 -21.41 -10.66
CA ALA B 249 -32.04 -20.03 -10.25
C ALA B 249 -33.35 -19.24 -10.28
N ALA B 250 -34.25 -19.58 -11.19
CA ALA B 250 -35.52 -18.87 -11.27
C ALA B 250 -36.35 -19.06 -10.00
N ARG B 251 -36.31 -20.26 -9.41
CA ARG B 251 -37.06 -20.51 -8.19
C ARG B 251 -36.50 -19.72 -7.02
N SER B 252 -35.19 -19.79 -6.81
CA SER B 252 -34.55 -19.18 -5.65
C SER B 252 -34.28 -17.69 -5.82
N LEU B 253 -34.65 -17.10 -6.96
CA LEU B 253 -34.27 -15.72 -7.24
C LEU B 253 -34.80 -14.76 -6.20
N LEU B 254 -36.11 -14.78 -5.96
CA LEU B 254 -36.69 -13.88 -4.96
C LEU B 254 -36.10 -14.13 -3.58
N GLU B 255 -35.74 -15.38 -3.28
CA GLU B 255 -35.09 -15.69 -2.02
C GLU B 255 -33.69 -15.08 -1.96
N ASP B 256 -32.89 -15.31 -3.00
CA ASP B 256 -31.52 -14.80 -3.01
C ASP B 256 -31.50 -13.28 -3.00
N VAL B 257 -32.39 -12.65 -3.77
CA VAL B 257 -32.46 -11.19 -3.77
C VAL B 257 -32.82 -10.67 -2.39
N ARG B 258 -33.76 -11.32 -1.71
CA ARG B 258 -34.08 -10.95 -0.34
C ARG B 258 -32.89 -11.18 0.60
N ALA B 259 -32.11 -12.23 0.36
CA ALA B 259 -30.96 -12.50 1.21
C ALA B 259 -29.83 -11.51 0.96
N VAL B 260 -29.70 -11.05 -0.28
CA VAL B 260 -28.62 -10.13 -0.62
C VAL B 260 -28.93 -8.73 -0.11
N ILE B 261 -30.20 -8.31 -0.19
CA ILE B 261 -30.60 -7.00 0.34
C ILE B 261 -30.33 -6.94 1.83
N ASP B 262 -30.66 -8.00 2.57
CA ASP B 262 -30.48 -8.00 4.01
C ASP B 262 -29.00 -8.05 4.38
N ALA B 263 -28.20 -8.83 3.63
CA ALA B 263 -26.79 -8.97 3.95
C ALA B 263 -25.96 -7.75 3.57
N THR B 264 -26.45 -6.92 2.65
CA THR B 264 -25.73 -5.74 2.17
C THR B 264 -26.59 -4.50 2.35
N ALA B 265 -27.34 -4.42 3.46
CA ALA B 265 -28.36 -3.40 3.60
C ALA B 265 -27.78 -1.99 3.65
N ALA B 266 -26.62 -1.83 4.30
CA ALA B 266 -26.03 -0.52 4.48
C ALA B 266 -25.17 -0.08 3.30
N ASN B 267 -24.98 -0.94 2.30
CA ASN B 267 -24.09 -0.65 1.18
C ASN B 267 -24.85 0.01 0.04
N TYR B 268 -24.11 0.77 -0.76
CA TYR B 268 -24.61 1.28 -2.03
C TYR B 268 -24.20 0.32 -3.15
N SER B 269 -25.14 0.05 -4.07
CA SER B 269 -24.84 -0.86 -5.16
C SER B 269 -23.77 -0.27 -6.07
N SER B 270 -23.14 -1.14 -6.86
CA SER B 270 -22.09 -0.70 -7.77
C SER B 270 -22.63 0.30 -8.78
N MET B 271 -23.87 0.09 -9.25
CA MET B 271 -24.45 1.02 -10.21
C MET B 271 -24.84 2.34 -9.54
N HIS B 272 -25.20 2.30 -8.25
CA HIS B 272 -25.44 3.55 -7.52
C HIS B 272 -24.16 4.37 -7.42
N GLN B 273 -23.04 3.71 -7.14
CA GLN B 273 -21.77 4.42 -7.04
C GLN B 273 -21.31 4.96 -8.39
N ASP B 274 -21.60 4.23 -9.47
CA ASP B 274 -21.23 4.70 -10.80
C ASP B 274 -21.96 6.01 -11.13
N VAL B 275 -23.27 6.04 -10.94
CA VAL B 275 -24.04 7.25 -11.22
C VAL B 275 -23.59 8.39 -10.31
N THR B 276 -23.39 8.09 -9.02
CA THR B 276 -22.97 9.11 -8.07
C THR B 276 -21.70 9.81 -8.52
N ARG B 277 -20.75 9.05 -9.06
CA ARG B 277 -19.49 9.60 -9.55
C ARG B 277 -19.58 10.10 -10.98
N GLY B 278 -20.78 10.11 -11.56
CA GLY B 278 -20.92 10.51 -12.96
C GLY B 278 -20.21 9.60 -13.93
N ARG B 279 -20.23 8.30 -13.66
CA ARG B 279 -19.52 7.32 -14.46
C ARG B 279 -20.49 6.50 -15.31
N ARG B 280 -20.00 6.01 -16.43
CA ARG B 280 -20.79 5.14 -17.28
C ARG B 280 -21.08 3.83 -16.55
N THR B 281 -22.33 3.42 -16.56
CA THR B 281 -22.72 2.15 -15.97
C THR B 281 -22.53 1.02 -16.98
N GLU B 282 -22.64 -0.21 -16.49
CA GLU B 282 -22.67 -1.39 -17.35
C GLU B 282 -24.10 -1.82 -17.64
N ILE B 283 -24.92 -0.87 -18.11
CA ILE B 283 -26.35 -1.10 -18.30
C ILE B 283 -26.67 -1.74 -19.67
N GLY B 284 -25.84 -1.51 -20.69
CA GLY B 284 -26.02 -2.26 -21.93
C GLY B 284 -25.80 -3.74 -21.72
N TYR B 285 -24.92 -4.09 -20.80
CA TYR B 285 -24.85 -5.41 -20.22
C TYR B 285 -25.75 -5.39 -18.99
N LEU B 286 -25.89 -6.52 -18.31
CA LEU B 286 -26.82 -6.62 -17.17
C LEU B 286 -28.23 -6.36 -17.67
N LEU B 287 -28.92 -5.31 -17.22
CA LEU B 287 -30.35 -5.17 -17.48
C LEU B 287 -30.66 -4.94 -18.97
N GLY B 288 -29.88 -4.08 -19.64
CA GLY B 288 -30.05 -3.91 -21.07
C GLY B 288 -29.89 -5.21 -21.84
N TYR B 289 -28.95 -6.05 -21.41
CA TYR B 289 -28.81 -7.37 -22.01
C TYR B 289 -30.02 -8.26 -21.72
N ALA B 290 -30.56 -8.17 -20.50
CA ALA B 290 -31.67 -9.02 -20.12
C ALA B 290 -32.91 -8.73 -20.96
N CYS B 291 -33.22 -7.45 -21.18
CA CYS B 291 -34.37 -7.10 -22.00
C CYS B 291 -34.17 -7.53 -23.45
N GLN B 292 -32.94 -7.39 -23.97
CA GLN B 292 -32.66 -7.81 -25.33
C GLN B 292 -32.81 -9.32 -25.48
N HIS B 293 -32.28 -10.09 -24.52
CA HIS B 293 -32.37 -11.54 -24.62
C HIS B 293 -33.81 -12.03 -24.45
N GLY B 294 -34.58 -11.34 -23.61
CA GLY B 294 -36.00 -11.66 -23.50
C GLY B 294 -36.73 -11.44 -24.81
N GLN B 295 -36.37 -10.38 -25.53
CA GLN B 295 -36.97 -10.13 -26.84
C GLN B 295 -36.48 -11.15 -27.87
N ARG B 296 -35.22 -11.57 -27.76
CA ARG B 296 -34.69 -12.55 -28.71
C ARG B 296 -35.41 -13.89 -28.58
N LEU B 297 -35.75 -14.28 -27.35
CA LEU B 297 -36.47 -15.53 -27.12
C LEU B 297 -37.98 -15.39 -27.27
N GLY B 298 -38.47 -14.21 -27.64
CA GLY B 298 -39.89 -13.96 -27.75
C GLY B 298 -40.63 -13.89 -26.43
N LEU B 299 -39.93 -13.72 -25.32
CA LEU B 299 -40.56 -13.68 -24.01
C LEU B 299 -40.91 -12.24 -23.64
N PRO B 300 -42.19 -11.91 -23.44
CA PRO B 300 -42.53 -10.54 -23.02
C PRO B 300 -42.09 -10.28 -21.59
N LEU B 301 -41.38 -9.16 -21.39
CA LEU B 301 -40.92 -8.73 -20.07
C LEU B 301 -41.27 -7.26 -19.89
N PRO B 302 -42.55 -6.94 -19.72
CA PRO B 302 -42.94 -5.51 -19.64
C PRO B 302 -42.34 -4.78 -18.45
N ARG B 303 -42.24 -5.44 -17.29
CA ARG B 303 -41.75 -4.73 -16.10
C ARG B 303 -40.26 -4.43 -16.21
N LEU B 304 -39.47 -5.37 -16.71
CA LEU B 304 -38.05 -5.12 -16.92
C LEU B 304 -37.84 -4.05 -17.99
N GLY B 305 -38.67 -4.06 -19.03
CA GLY B 305 -38.53 -3.06 -20.08
C GLY B 305 -38.82 -1.66 -19.61
N THR B 306 -39.90 -1.47 -18.84
CA THR B 306 -40.18 -0.18 -18.26
C THR B 306 -39.14 0.20 -17.22
N LEU B 307 -38.64 -0.79 -16.47
CA LEU B 307 -37.52 -0.54 -15.57
C LEU B 307 -36.30 -0.07 -16.33
N LEU B 308 -36.04 -0.67 -17.50
CA LEU B 308 -34.92 -0.24 -18.33
C LEU B 308 -35.12 1.18 -18.82
N ALA B 309 -36.33 1.52 -19.28
CA ALA B 309 -36.60 2.87 -19.76
C ALA B 309 -36.50 3.90 -18.65
N ARG B 310 -36.94 3.52 -17.43
CA ARG B 310 -36.77 4.42 -16.29
C ARG B 310 -35.30 4.65 -15.99
N LEU B 311 -34.49 3.60 -16.04
CA LEU B 311 -33.07 3.73 -15.74
C LEU B 311 -32.34 4.49 -16.83
N GLN B 312 -32.67 4.20 -18.10
CA GLN B 312 -32.04 4.91 -19.21
C GLN B 312 -32.37 6.39 -19.19
N ALA B 313 -33.61 6.73 -18.85
CA ALA B 313 -33.97 8.14 -18.68
C ALA B 313 -33.21 8.76 -17.51
N HIS B 314 -33.03 8.00 -16.43
CA HIS B 314 -32.30 8.50 -15.28
C HIS B 314 -30.84 8.77 -15.63
N LEU B 315 -30.25 7.97 -16.52
CA LEU B 315 -28.89 8.21 -16.97
C LEU B 315 -28.82 9.38 -17.93
N ARG B 316 -29.78 9.48 -18.86
CA ARG B 316 -29.84 10.61 -19.77
C ARG B 316 -30.04 11.92 -19.02
N GLN B 317 -30.79 11.90 -17.92
CA GLN B 317 -31.02 13.10 -17.13
C GLN B 317 -29.73 13.65 -16.52
N ARG B 318 -28.64 12.87 -16.51
CA ARG B 318 -27.39 13.30 -15.90
C ARG B 318 -26.24 13.36 -16.91
N GLY B 319 -26.52 13.22 -18.20
CA GLY B 319 -25.46 13.24 -19.18
C GLY B 319 -24.64 11.98 -19.23
N LEU B 320 -25.20 10.86 -18.80
CA LEU B 320 -24.53 9.57 -18.79
C LEU B 320 -25.10 8.67 -19.88
N PRO B 321 -24.26 7.85 -20.51
CA PRO B 321 -24.77 6.94 -21.55
C PRO B 321 -25.82 5.98 -20.98
N ASP B 322 -26.84 5.72 -21.78
CA ASP B 322 -27.82 4.68 -21.46
C ASP B 322 -27.45 3.33 -22.05
N ARG B 323 -26.16 3.07 -22.23
CA ARG B 323 -25.68 1.81 -22.79
C ARG B 323 -24.28 1.49 -22.26
N SER C 19 3.07 -18.22 8.97
CA SER C 19 2.50 -18.04 7.64
C SER C 19 1.77 -16.70 7.54
N HIS C 20 1.65 -16.00 8.67
CA HIS C 20 1.00 -14.70 8.70
C HIS C 20 1.95 -13.55 8.99
N MET C 21 3.08 -13.80 9.64
CA MET C 21 4.01 -12.72 9.99
C MET C 21 4.84 -12.31 8.79
N THR C 22 4.97 -10.99 8.62
CA THR C 22 5.72 -10.45 7.49
C THR C 22 7.22 -10.67 7.69
N TRP C 23 7.87 -11.21 6.67
CA TRP C 23 9.32 -11.37 6.67
C TRP C 23 9.96 -10.09 6.15
N HIS C 24 10.58 -9.32 7.05
CA HIS C 24 11.26 -8.10 6.67
C HIS C 24 12.71 -8.41 6.28
N ILE C 25 13.13 -7.91 5.12
CA ILE C 25 14.47 -8.13 4.60
C ILE C 25 15.22 -6.82 4.69
N LEU C 26 16.23 -6.76 5.54
CA LEU C 26 17.05 -5.58 5.72
C LEU C 26 18.47 -5.86 5.22
N GLY C 27 19.03 -4.89 4.50
CA GLY C 27 20.38 -4.99 3.99
C GLY C 27 20.41 -5.22 2.48
N ALA C 28 21.60 -5.02 1.93
CA ALA C 28 21.83 -5.16 0.49
C ALA C 28 22.53 -6.46 0.13
N GLY C 29 22.66 -7.40 1.09
CA GLY C 29 23.37 -8.63 0.81
C GLY C 29 22.67 -9.47 -0.24
N SER C 30 23.47 -10.23 -1.00
CA SER C 30 22.93 -11.07 -2.05
C SER C 30 22.05 -12.18 -1.48
N LEU C 31 22.39 -12.69 -0.29
CA LEU C 31 21.57 -13.72 0.34
C LEU C 31 20.20 -13.20 0.72
N GLY C 32 20.10 -11.92 1.10
CA GLY C 32 18.80 -11.36 1.43
C GLY C 32 17.82 -11.43 0.27
N SER C 33 18.32 -11.18 -0.95
CA SER C 33 17.46 -11.29 -2.12
C SER C 33 17.06 -12.73 -2.37
N LEU C 34 17.99 -13.67 -2.21
CA LEU C 34 17.69 -15.08 -2.42
C LEU C 34 16.66 -15.57 -1.41
N TRP C 35 16.85 -15.24 -0.14
CA TRP C 35 15.88 -15.61 0.88
C TRP C 35 14.54 -14.94 0.64
N ALA C 36 14.55 -13.66 0.24
CA ALA C 36 13.31 -12.94 0.02
C ALA C 36 12.49 -13.56 -1.09
N ALA C 37 13.14 -13.96 -2.19
CA ALA C 37 12.42 -14.57 -3.30
C ALA C 37 11.79 -15.91 -2.88
N ARG C 38 12.59 -16.78 -2.26
CA ARG C 38 12.09 -18.10 -1.89
C ARG C 38 10.95 -18.00 -0.89
N LEU C 39 11.06 -17.11 0.10
CA LEU C 39 9.95 -16.86 1.00
C LEU C 39 8.74 -16.28 0.25
N GLY C 40 9.01 -15.46 -0.77
CA GLY C 40 7.92 -14.84 -1.50
C GLY C 40 7.14 -15.83 -2.34
N ARG C 41 7.85 -16.70 -3.07
CA ARG C 41 7.18 -17.70 -3.91
C ARG C 41 6.34 -18.64 -3.08
N ALA C 42 6.70 -18.86 -1.82
CA ALA C 42 5.99 -19.77 -0.93
C ALA C 42 4.74 -19.15 -0.32
N GLY C 43 4.27 -18.02 -0.85
CA GLY C 43 3.07 -17.40 -0.33
C GLY C 43 3.22 -16.67 0.98
N LEU C 44 4.45 -16.42 1.43
CA LEU C 44 4.70 -15.74 2.69
C LEU C 44 4.91 -14.25 2.46
N PRO C 45 4.34 -13.40 3.33
CA PRO C 45 4.50 -11.94 3.14
C PRO C 45 5.94 -11.50 3.36
N VAL C 46 6.48 -10.75 2.40
CA VAL C 46 7.85 -10.29 2.43
C VAL C 46 7.86 -8.77 2.23
N ARG C 47 8.84 -8.12 2.85
CA ARG C 47 8.98 -6.66 2.74
C ARG C 47 10.46 -6.31 2.79
N LEU C 48 10.98 -5.76 1.70
CA LEU C 48 12.37 -5.33 1.65
C LEU C 48 12.52 -3.96 2.31
N ILE C 49 13.49 -3.83 3.20
CA ILE C 49 13.81 -2.54 3.82
C ILE C 49 15.11 -2.06 3.21
N LEU C 50 15.02 -1.05 2.35
CA LEU C 50 16.17 -0.52 1.65
C LEU C 50 16.75 0.68 2.41
N ARG C 51 18.00 1.01 2.08
CA ARG C 51 18.78 1.93 2.91
C ARG C 51 18.11 3.30 3.02
N ASP C 52 17.57 3.81 1.91
CA ASP C 52 17.00 5.15 1.90
C ASP C 52 15.95 5.24 0.80
N ARG C 53 15.37 6.43 0.65
CA ARG C 53 14.38 6.65 -0.39
C ARG C 53 15.01 6.67 -1.78
N GLN C 54 16.29 7.02 -1.88
CA GLN C 54 16.94 7.06 -3.18
C GLN C 54 17.18 5.66 -3.72
N ARG C 55 17.58 4.73 -2.83
CA ARG C 55 17.71 3.34 -3.27
C ARG C 55 16.34 2.72 -3.54
N LEU C 56 15.30 3.22 -2.86
CA LEU C 56 13.95 2.73 -3.11
C LEU C 56 13.47 3.11 -4.50
N ARG C 57 13.85 4.29 -4.99
CA ARG C 57 13.46 4.70 -6.33
C ARG C 57 14.13 3.83 -7.39
N ARG C 58 15.45 3.63 -7.28
CA ARG C 58 16.16 2.74 -8.19
C ARG C 58 15.53 1.36 -8.22
N TYR C 59 15.22 0.81 -7.04
CA TYR C 59 14.61 -0.52 -6.97
C TYR C 59 13.27 -0.55 -7.68
N GLN C 60 12.45 0.48 -7.51
CA GLN C 60 11.17 0.53 -8.21
C GLN C 60 11.36 0.83 -9.69
N GLN C 61 12.39 1.61 -10.03
CA GLN C 61 12.74 1.80 -11.44
C GLN C 61 13.18 0.49 -12.07
N ALA C 62 14.05 -0.25 -11.40
CA ALA C 62 14.59 -1.50 -11.91
C ALA C 62 13.55 -2.62 -12.01
N GLY C 63 12.31 -2.37 -11.60
CA GLY C 63 11.27 -3.37 -11.66
C GLY C 63 11.32 -4.42 -10.58
N GLY C 64 12.06 -4.18 -9.50
CA GLY C 64 12.14 -5.15 -8.42
C GLY C 64 13.46 -5.88 -8.35
N LEU C 65 13.42 -7.12 -7.88
CA LEU C 65 14.61 -7.94 -7.72
C LEU C 65 14.85 -8.75 -8.99
N SER C 66 16.02 -8.55 -9.61
CA SER C 66 16.44 -9.36 -10.74
C SER C 66 17.22 -10.56 -10.20
N LEU C 67 16.68 -11.76 -10.45
CA LEU C 67 17.23 -12.97 -9.85
C LEU C 67 17.42 -14.03 -10.94
N VAL C 68 18.56 -14.73 -10.88
CA VAL C 68 18.96 -15.69 -11.90
C VAL C 68 19.27 -17.02 -11.22
N GLU C 69 18.39 -18.00 -11.41
CA GLU C 69 18.60 -19.37 -10.96
C GLU C 69 18.74 -20.30 -12.15
N ASP C 70 19.73 -21.19 -12.09
CA ASP C 70 19.96 -22.16 -13.17
C ASP C 70 20.05 -21.49 -14.54
N GLY C 71 20.67 -20.30 -14.56
CA GLY C 71 20.79 -19.54 -15.78
C GLY C 71 19.54 -18.82 -16.24
N GLN C 72 18.48 -18.85 -15.45
CA GLN C 72 17.19 -18.26 -15.81
C GLN C 72 16.98 -16.99 -15.01
N ALA C 73 16.97 -15.85 -15.69
CA ALA C 73 16.76 -14.57 -15.04
C ALA C 73 15.27 -14.35 -14.76
N SER C 74 14.99 -13.68 -13.65
CA SER C 74 13.62 -13.46 -13.22
C SER C 74 13.51 -12.07 -12.57
N LEU C 75 12.29 -11.55 -12.54
CA LEU C 75 11.97 -10.30 -11.89
C LEU C 75 10.94 -10.54 -10.81
N TYR C 76 11.25 -10.12 -9.58
CA TYR C 76 10.33 -10.24 -8.46
C TYR C 76 9.91 -8.84 -8.01
N PRO C 77 8.68 -8.40 -8.30
CA PRO C 77 8.22 -7.09 -7.83
C PRO C 77 7.84 -7.11 -6.35
N ILE C 78 8.82 -7.40 -5.50
CA ILE C 78 8.59 -7.52 -4.07
C ILE C 78 8.45 -6.12 -3.47
N ALA C 79 7.42 -5.93 -2.65
CA ALA C 79 7.17 -4.64 -2.03
C ALA C 79 8.33 -4.24 -1.12
N ALA C 80 8.78 -3.00 -1.25
CA ALA C 80 9.91 -2.49 -0.50
C ALA C 80 9.51 -1.23 0.25
N GLU C 81 10.40 -0.77 1.12
CA GLU C 81 10.16 0.41 1.94
C GLU C 81 11.51 0.93 2.43
N THR C 82 11.47 1.91 3.33
CA THR C 82 12.64 2.50 3.98
C THR C 82 12.58 2.20 5.48
N PRO C 83 13.70 2.37 6.21
CA PRO C 83 13.66 2.10 7.65
C PRO C 83 12.70 3.02 8.39
N ASP C 84 12.47 4.24 7.89
CA ASP C 84 11.54 5.17 8.52
C ASP C 84 10.14 4.86 8.02
N GLY C 85 9.25 4.42 8.91
CA GLY C 85 7.89 4.11 8.55
C GLY C 85 7.70 2.63 8.23
N GLY C 86 6.46 2.18 8.38
CA GLY C 86 6.09 0.80 8.18
C GLY C 86 5.61 0.16 9.47
N GLN C 87 5.01 -1.02 9.29
CA GLN C 87 4.46 -1.73 10.44
C GLN C 87 5.58 -2.24 11.34
N PRO C 88 5.31 -2.44 12.63
CA PRO C 88 6.35 -2.95 13.53
C PRO C 88 6.89 -4.30 13.07
N ILE C 89 8.20 -4.46 13.23
CA ILE C 89 8.92 -5.60 12.68
C ILE C 89 8.94 -6.73 13.69
N GLN C 90 8.56 -7.93 13.26
CA GLN C 90 8.61 -9.12 14.08
C GLN C 90 9.57 -10.18 13.57
N ARG C 91 9.73 -10.31 12.25
CA ARG C 91 10.70 -11.20 11.65
C ARG C 91 11.64 -10.37 10.78
N LEU C 92 12.93 -10.42 11.07
CA LEU C 92 13.90 -9.62 10.36
C LEU C 92 15.04 -10.50 9.85
N LEU C 93 15.30 -10.42 8.56
CA LEU C 93 16.45 -11.08 7.93
C LEU C 93 17.46 -9.99 7.59
N LEU C 94 18.63 -10.05 8.23
CA LEU C 94 19.67 -9.05 8.05
C LEU C 94 20.80 -9.66 7.24
N ALA C 95 20.91 -9.25 5.98
CA ALA C 95 21.98 -9.67 5.08
C ALA C 95 22.71 -8.42 4.62
N CYS C 96 23.89 -8.18 5.20
CA CYS C 96 24.69 -7.01 4.84
C CYS C 96 26.13 -7.29 5.22
N LYS C 97 27.04 -6.45 4.72
CA LYS C 97 28.43 -6.54 5.11
C LYS C 97 28.57 -6.32 6.62
N ALA C 98 29.58 -6.96 7.20
CA ALA C 98 29.74 -6.93 8.66
C ALA C 98 29.86 -5.51 9.19
N TYR C 99 30.45 -4.60 8.40
CA TYR C 99 30.64 -3.22 8.85
C TYR C 99 29.39 -2.38 8.75
N ASP C 100 28.30 -2.92 8.22
CA ASP C 100 27.03 -2.20 8.12
C ASP C 100 25.97 -2.73 9.09
N ALA C 101 26.29 -3.76 9.89
CA ALA C 101 25.26 -4.46 10.65
C ALA C 101 24.66 -3.59 11.74
N GLU C 102 25.52 -2.90 12.50
N GLU C 102 25.52 -2.89 12.49
CA GLU C 102 25.04 -2.09 13.62
CA GLU C 102 25.02 -2.10 13.62
C GLU C 102 24.20 -0.91 13.13
C GLU C 102 24.21 -0.90 13.14
N GLU C 103 24.69 -0.19 12.11
CA GLU C 103 23.94 0.92 11.56
C GLU C 103 22.60 0.47 11.02
N ALA C 104 22.57 -0.67 10.32
CA ALA C 104 21.31 -1.20 9.79
C ALA C 104 20.38 -1.61 10.93
N ALA C 105 20.91 -2.33 11.92
CA ALA C 105 20.10 -2.73 13.07
C ALA C 105 19.59 -1.50 13.82
N SER C 106 20.45 -0.48 13.97
CA SER C 106 20.02 0.76 14.60
C SER C 106 18.93 1.47 13.80
N SER C 107 18.96 1.33 12.47
CA SER C 107 18.01 2.03 11.62
C SER C 107 16.57 1.54 11.82
N VAL C 108 16.38 0.32 12.31
CA VAL C 108 15.05 -0.26 12.49
C VAL C 108 14.75 -0.56 13.94
N ALA C 109 15.58 -0.08 14.87
CA ALA C 109 15.38 -0.38 16.29
C ALA C 109 14.03 0.14 16.79
N HIS C 110 13.58 1.28 16.28
CA HIS C 110 12.33 1.86 16.72
C HIS C 110 11.11 1.08 16.23
N ARG C 111 11.28 0.17 15.28
CA ARG C 111 10.17 -0.60 14.72
C ARG C 111 10.11 -2.03 15.23
N LEU C 112 11.05 -2.44 16.08
CA LEU C 112 11.05 -3.81 16.56
C LEU C 112 9.95 -4.02 17.60
N ALA C 113 9.39 -5.23 17.61
CA ALA C 113 8.11 -5.48 18.27
C ALA C 113 8.22 -5.95 19.72
N GLY C 114 9.34 -6.57 20.10
CA GLY C 114 9.42 -7.14 21.43
C GLY C 114 9.41 -8.65 21.37
N ASN C 115 8.52 -9.20 20.56
CA ASN C 115 8.62 -10.57 20.11
C ASN C 115 9.42 -10.68 18.82
N ALA C 116 10.17 -9.64 18.49
CA ALA C 116 10.96 -9.62 17.27
C ALA C 116 12.10 -10.62 17.34
N GLU C 117 12.20 -11.46 16.32
CA GLU C 117 13.28 -12.43 16.18
C GLU C 117 14.06 -12.11 14.92
N LEU C 118 15.37 -11.97 15.04
CA LEU C 118 16.24 -11.59 13.94
C LEU C 118 17.08 -12.77 13.49
N LEU C 119 17.33 -12.84 12.19
CA LEU C 119 18.25 -13.82 11.61
C LEU C 119 19.41 -13.05 10.99
N LEU C 120 20.60 -13.22 11.54
CA LEU C 120 21.79 -12.50 11.12
C LEU C 120 22.64 -13.41 10.25
N LEU C 121 23.07 -12.89 9.11
CA LEU C 121 23.83 -13.67 8.12
C LEU C 121 25.16 -13.02 7.79
N GLN C 122 25.73 -12.25 8.72
CA GLN C 122 26.98 -11.57 8.48
C GLN C 122 28.16 -12.53 8.57
N ASN C 123 29.15 -12.33 7.69
CA ASN C 123 30.36 -13.13 7.70
C ASN C 123 31.17 -12.85 8.96
N GLY C 124 31.97 -13.85 9.35
CA GLY C 124 32.74 -13.79 10.57
C GLY C 124 31.83 -13.59 11.77
N LEU C 125 32.42 -13.07 12.84
CA LEU C 125 31.66 -12.63 14.01
C LEU C 125 31.44 -11.12 13.92
N GLY C 126 30.84 -10.73 12.79
CA GLY C 126 30.70 -9.34 12.41
C GLY C 126 29.64 -8.58 13.17
N SER C 127 29.99 -8.15 14.39
CA SER C 127 29.11 -7.42 15.29
C SER C 127 27.79 -8.13 15.54
N GLN C 128 27.69 -9.41 15.21
CA GLN C 128 26.55 -10.21 15.62
C GLN C 128 26.39 -10.17 17.13
N GLN C 129 27.51 -10.26 17.86
CA GLN C 129 27.48 -9.99 19.29
C GLN C 129 27.08 -8.56 19.57
N ALA C 130 27.51 -7.62 18.73
CA ALA C 130 27.14 -6.22 18.91
C ALA C 130 25.71 -5.97 18.48
N VAL C 131 25.27 -6.59 17.38
CA VAL C 131 23.87 -6.50 16.98
C VAL C 131 22.99 -7.11 18.06
N ALA C 132 23.38 -8.28 18.57
CA ALA C 132 22.67 -8.89 19.68
C ALA C 132 22.75 -8.03 20.94
N ALA C 133 23.88 -7.35 21.15
CA ALA C 133 23.97 -6.40 22.24
C ALA C 133 23.23 -5.10 21.93
N ARG C 134 23.23 -4.69 20.66
CA ARG C 134 22.41 -3.54 20.26
C ARG C 134 20.93 -3.85 20.43
N LEU C 135 20.53 -5.10 20.22
CA LEU C 135 19.15 -5.55 20.37
C LEU C 135 19.08 -6.66 21.41
N PRO C 136 19.36 -6.33 22.68
CA PRO C 136 19.35 -7.37 23.72
C PRO C 136 17.96 -7.81 24.12
N ARG C 137 16.94 -6.99 23.88
CA ARG C 137 15.56 -7.39 24.09
C ARG C 137 14.99 -8.15 22.89
N SER C 138 15.75 -8.29 21.82
CA SER C 138 15.33 -9.04 20.65
C SER C 138 16.16 -10.33 20.54
N ARG C 139 15.51 -11.38 20.04
CA ARG C 139 16.17 -12.66 19.87
C ARG C 139 16.95 -12.65 18.55
N CYS C 140 18.26 -12.58 18.64
CA CYS C 140 19.13 -12.59 17.46
C CYS C 140 19.61 -14.02 17.23
N LEU C 141 19.31 -14.56 16.05
CA LEU C 141 19.70 -15.91 15.69
C LEU C 141 20.88 -15.84 14.74
N PHE C 142 21.97 -16.53 15.09
CA PHE C 142 23.17 -16.50 14.26
C PHE C 142 23.05 -17.52 13.15
N ALA C 143 23.48 -17.14 11.95
CA ALA C 143 23.39 -18.00 10.79
C ALA C 143 24.72 -18.07 10.06
N SER C 144 25.06 -19.26 9.59
CA SER C 144 26.20 -19.48 8.70
C SER C 144 25.67 -20.10 7.42
N SER C 145 25.94 -19.44 6.30
CA SER C 145 25.41 -19.86 5.01
C SER C 145 26.55 -20.17 4.05
N THR C 146 26.36 -21.20 3.24
CA THR C 146 27.29 -21.55 2.17
C THR C 146 26.63 -21.49 0.80
N GLU C 147 25.40 -20.97 0.73
CA GLU C 147 24.71 -20.82 -0.55
C GLU C 147 25.47 -19.81 -1.43
N GLY C 148 25.75 -20.22 -2.66
CA GLY C 148 26.50 -19.38 -3.57
C GLY C 148 25.66 -18.31 -4.26
N ALA C 149 25.70 -17.10 -3.72
CA ALA C 149 24.95 -15.98 -4.29
C ALA C 149 25.85 -14.76 -4.33
N PHE C 150 25.88 -14.08 -5.47
CA PHE C 150 26.69 -12.87 -5.62
C PHE C 150 25.88 -11.80 -6.34
N ARG C 151 26.18 -10.54 -6.03
CA ARG C 151 25.53 -9.42 -6.68
C ARG C 151 26.14 -9.18 -8.05
N ASP C 152 25.29 -9.05 -9.07
CA ASP C 152 25.71 -8.78 -10.44
C ASP C 152 24.93 -7.57 -10.98
N GLY C 153 25.11 -6.45 -10.29
CA GLY C 153 24.33 -5.25 -10.52
C GLY C 153 23.74 -4.72 -9.24
N ASP C 154 22.99 -3.63 -9.37
CA ASP C 154 22.42 -2.98 -8.20
C ASP C 154 21.32 -3.85 -7.57
N PHE C 155 20.50 -4.50 -8.40
CA PHE C 155 19.40 -5.30 -7.90
C PHE C 155 19.35 -6.66 -8.61
N ARG C 156 20.50 -7.14 -9.07
CA ARG C 156 20.60 -8.43 -9.75
C ARG C 156 21.41 -9.39 -8.88
N VAL C 157 20.88 -10.58 -8.66
CA VAL C 157 21.51 -11.61 -7.84
C VAL C 157 21.54 -12.92 -8.63
N VAL C 158 22.70 -13.57 -8.64
CA VAL C 158 22.87 -14.86 -9.29
C VAL C 158 23.10 -15.91 -8.21
N PHE C 159 22.29 -16.97 -8.23
CA PHE C 159 22.40 -18.07 -7.28
C PHE C 159 22.74 -19.34 -8.05
N ALA C 160 23.88 -19.95 -7.71
CA ALA C 160 24.32 -21.15 -8.40
C ALA C 160 23.30 -22.27 -8.24
N GLY C 161 22.91 -22.57 -7.01
CA GLY C 161 21.89 -23.58 -6.77
C GLY C 161 22.22 -24.53 -5.64
N ARG C 162 23.44 -24.41 -5.09
CA ARG C 162 23.90 -25.30 -4.04
C ARG C 162 24.17 -24.51 -2.76
N GLY C 163 24.28 -25.23 -1.65
CA GLY C 163 24.60 -24.64 -0.37
C GLY C 163 23.63 -25.06 0.72
N HIS C 164 24.04 -24.79 1.95
CA HIS C 164 23.26 -25.11 3.14
C HIS C 164 23.33 -23.93 4.09
N THR C 165 22.46 -23.94 5.10
CA THR C 165 22.39 -22.86 6.07
C THR C 165 22.29 -23.43 7.47
N TRP C 166 23.07 -22.90 8.39
CA TRP C 166 23.05 -23.32 9.79
C TRP C 166 22.51 -22.19 10.65
N LEU C 167 21.45 -22.47 11.40
CA LEU C 167 20.85 -21.49 12.30
C LEU C 167 21.06 -21.91 13.74
N GLY C 168 21.14 -20.92 14.62
CA GLY C 168 21.34 -21.20 16.03
C GLY C 168 21.17 -19.95 16.87
N ASP C 169 20.92 -20.18 18.15
CA ASP C 169 20.85 -19.11 19.14
C ASP C 169 21.75 -19.48 20.30
N PRO C 170 22.88 -18.80 20.49
CA PRO C 170 23.77 -19.15 21.61
C PRO C 170 23.12 -18.98 22.97
N ARG C 171 22.02 -18.23 23.08
CA ARG C 171 21.34 -18.01 24.34
C ARG C 171 20.02 -18.76 24.45
N ASP C 172 19.70 -19.62 23.47
CA ASP C 172 18.43 -20.35 23.49
C ASP C 172 18.52 -21.53 22.52
N THR C 173 18.64 -22.74 23.06
CA THR C 173 18.78 -23.94 22.24
C THR C 173 17.45 -24.41 21.66
N ASN C 174 16.34 -23.77 21.99
CA ASN C 174 15.03 -24.16 21.47
C ASN C 174 14.81 -23.51 20.11
N ALA C 175 14.54 -24.33 19.10
CA ALA C 175 14.41 -23.85 17.74
C ALA C 175 13.10 -23.09 17.55
N PRO C 176 13.10 -22.04 16.73
CA PRO C 176 11.87 -21.27 16.50
C PRO C 176 10.86 -22.08 15.71
N ALA C 177 9.58 -21.77 15.96
CA ALA C 177 8.52 -22.48 15.27
C ALA C 177 8.51 -22.19 13.77
N TRP C 178 9.03 -21.04 13.36
CA TRP C 178 8.97 -20.64 11.97
C TRP C 178 10.06 -21.26 11.11
N LEU C 179 10.84 -22.21 11.64
CA LEU C 179 11.72 -22.98 10.78
C LEU C 179 10.94 -23.76 9.73
N THR C 180 9.67 -24.06 10.01
CA THR C 180 8.82 -24.74 9.03
C THR C 180 8.50 -23.85 7.84
N GLN C 181 8.54 -22.52 8.00
CA GLN C 181 8.39 -21.65 6.84
C GLN C 181 9.61 -21.71 5.94
N LEU C 182 10.78 -22.02 6.49
CA LEU C 182 11.96 -22.26 5.66
C LEU C 182 11.80 -23.52 4.84
N SER C 183 11.33 -24.60 5.47
CA SER C 183 11.01 -25.81 4.73
C SER C 183 9.95 -25.54 3.66
N GLN C 184 8.91 -24.79 4.02
CA GLN C 184 7.91 -24.39 3.05
C GLN C 184 8.51 -23.55 1.93
N ALA C 185 9.44 -22.66 2.27
CA ALA C 185 10.12 -21.84 1.28
C ALA C 185 11.19 -22.60 0.52
N GLY C 186 11.41 -23.87 0.82
CA GLY C 186 12.43 -24.65 0.14
C GLY C 186 13.84 -24.24 0.48
N ILE C 187 14.06 -23.66 1.66
CA ILE C 187 15.38 -23.24 2.10
C ILE C 187 15.99 -24.39 2.92
N PRO C 188 16.96 -25.12 2.39
CA PRO C 188 17.60 -26.17 3.20
C PRO C 188 18.35 -25.54 4.36
N HIS C 189 18.24 -26.16 5.53
CA HIS C 189 18.81 -25.56 6.73
C HIS C 189 18.94 -26.62 7.81
N SER C 190 19.80 -26.32 8.78
CA SER C 190 20.02 -27.16 9.95
C SER C 190 20.06 -26.29 11.18
N TRP C 191 19.26 -26.64 12.19
CA TRP C 191 19.31 -25.94 13.47
C TRP C 191 20.49 -26.44 14.28
N SER C 192 21.42 -25.54 14.60
CA SER C 192 22.63 -25.88 15.32
C SER C 192 22.53 -25.39 16.76
N ASP C 193 22.80 -26.29 17.71
CA ASP C 193 22.80 -25.89 19.12
C ASP C 193 24.09 -25.20 19.52
N ASP C 194 25.19 -25.46 18.81
CA ASP C 194 26.46 -24.80 19.05
C ASP C 194 26.86 -24.04 17.79
N ILE C 195 26.12 -22.97 17.51
CA ILE C 195 26.38 -22.18 16.30
C ILE C 195 27.62 -21.33 16.47
N LEU C 196 27.98 -20.98 17.71
CA LEU C 196 29.18 -20.19 17.93
C LEU C 196 30.44 -20.97 17.59
N GLU C 197 30.43 -22.29 17.79
CA GLU C 197 31.54 -23.11 17.34
C GLU C 197 31.66 -23.09 15.82
N ARG C 198 30.52 -23.13 15.13
CA ARG C 198 30.52 -23.15 13.67
C ARG C 198 30.98 -21.80 13.12
N LEU C 199 30.55 -20.69 13.73
CA LEU C 199 30.98 -19.38 13.26
C LEU C 199 32.44 -19.13 13.61
N TRP C 200 32.90 -19.62 14.76
CA TRP C 200 34.31 -19.51 15.10
C TRP C 200 35.18 -20.33 14.16
N ARG C 201 34.67 -21.47 13.67
CA ARG C 201 35.41 -22.25 12.68
C ARG C 201 35.49 -21.50 11.35
N LYS C 202 34.41 -20.85 10.94
CA LYS C 202 34.45 -20.08 9.70
C LYS C 202 35.29 -18.82 9.89
N LEU C 203 35.30 -18.25 11.09
CA LEU C 203 36.13 -17.08 11.36
C LEU C 203 37.61 -17.43 11.22
N ALA C 204 38.05 -18.51 11.87
CA ALA C 204 39.44 -18.94 11.74
C ALA C 204 39.77 -19.36 10.30
N LEU C 205 38.80 -19.95 9.61
CA LEU C 205 39.03 -20.35 8.21
C LEU C 205 39.26 -19.14 7.32
N ASN C 206 38.44 -18.10 7.49
CA ASN C 206 38.60 -16.92 6.65
C ASN C 206 39.84 -16.11 7.03
N CYS C 207 40.28 -16.19 8.28
CA CYS C 207 41.50 -15.50 8.67
C CYS C 207 42.72 -16.11 8.01
N ALA C 208 42.74 -17.43 7.85
CA ALA C 208 43.89 -18.08 7.23
C ALA C 208 43.97 -17.79 5.74
N ILE C 209 42.83 -17.55 5.08
CA ILE C 209 42.79 -17.51 3.62
C ILE C 209 42.69 -16.07 3.10
N ASN C 210 41.65 -15.34 3.52
CA ASN C 210 41.33 -14.06 2.88
C ASN C 210 42.47 -13.05 2.93
N PRO C 211 43.07 -12.74 4.08
CA PRO C 211 44.13 -11.72 4.08
C PRO C 211 45.31 -12.06 3.19
N LEU C 212 45.66 -13.35 3.08
CA LEU C 212 46.78 -13.73 2.22
C LEU C 212 46.41 -13.68 0.74
N THR C 213 45.14 -13.93 0.40
CA THR C 213 44.73 -13.80 -1.00
C THR C 213 44.83 -12.37 -1.49
N VAL C 214 44.70 -11.40 -0.59
CA VAL C 214 44.84 -10.00 -0.97
C VAL C 214 46.31 -9.62 -1.12
N LEU C 215 47.13 -9.98 -0.13
CA LEU C 215 48.55 -9.65 -0.19
C LEU C 215 49.24 -10.36 -1.34
N HIS C 216 48.81 -11.57 -1.66
CA HIS C 216 49.40 -12.33 -2.76
C HIS C 216 48.63 -12.16 -4.06
N ASP C 217 47.51 -11.42 -4.04
CA ASP C 217 46.78 -11.06 -5.25
C ASP C 217 46.43 -12.29 -6.10
N CYS C 218 45.87 -13.30 -5.44
CA CYS C 218 45.65 -14.58 -6.07
C CYS C 218 44.31 -15.16 -5.63
N ARG C 219 43.80 -16.07 -6.45
CA ARG C 219 42.69 -16.90 -6.02
C ARG C 219 43.16 -17.83 -4.90
N ASN C 220 42.18 -18.44 -4.22
CA ASN C 220 42.49 -19.17 -2.99
C ASN C 220 43.51 -20.27 -3.23
N GLY C 221 43.46 -20.92 -4.39
CA GLY C 221 44.44 -21.94 -4.71
C GLY C 221 45.86 -21.42 -4.78
N GLY C 222 46.03 -20.12 -5.04
CA GLY C 222 47.34 -19.52 -5.09
C GLY C 222 48.10 -19.53 -3.78
N LEU C 223 47.41 -19.83 -2.67
CA LEU C 223 48.08 -19.92 -1.37
C LEU C 223 48.90 -21.19 -1.23
N ARG C 224 48.81 -22.12 -2.19
CA ARG C 224 49.62 -23.33 -2.15
C ARG C 224 51.08 -23.08 -2.51
N GLN C 225 51.44 -21.85 -2.89
CA GLN C 225 52.82 -21.46 -3.06
C GLN C 225 53.47 -21.05 -1.74
N HIS C 226 52.68 -20.93 -0.67
CA HIS C 226 53.18 -20.53 0.65
C HIS C 226 52.63 -21.49 1.70
N PRO C 227 53.12 -22.73 1.73
CA PRO C 227 52.61 -23.69 2.72
C PRO C 227 53.02 -23.36 4.15
N GLU C 228 54.20 -22.76 4.34
CA GLU C 228 54.64 -22.36 5.68
C GLU C 228 53.71 -21.32 6.27
N GLU C 229 53.45 -20.23 5.55
CA GLU C 229 52.57 -19.18 6.05
C GLU C 229 51.20 -19.73 6.46
N ILE C 230 50.62 -20.60 5.64
CA ILE C 230 49.34 -21.21 5.99
C ILE C 230 49.49 -22.05 7.26
N ALA C 231 50.48 -22.96 7.27
CA ALA C 231 50.68 -23.82 8.43
C ALA C 231 51.02 -22.99 9.67
N ALA C 232 51.72 -21.87 9.51
CA ALA C 232 52.01 -21.01 10.64
C ALA C 232 50.77 -20.28 11.12
N LEU C 233 49.89 -19.89 10.19
CA LEU C 233 48.68 -19.17 10.58
C LEU C 233 47.69 -20.10 11.30
N CYS C 234 47.49 -21.30 10.77
CA CYS C 234 46.60 -22.26 11.42
C CYS C 234 47.12 -22.69 12.79
N ASP C 235 48.44 -22.63 13.00
CA ASP C 235 48.99 -22.91 14.31
C ASP C 235 48.50 -21.89 15.33
N GLU C 236 48.68 -20.60 15.04
CA GLU C 236 48.28 -19.54 15.96
C GLU C 236 46.76 -19.42 16.04
N LEU C 237 46.06 -19.67 14.93
CA LEU C 237 44.61 -19.66 14.97
C LEU C 237 44.06 -20.88 15.69
N GLY C 238 44.78 -22.01 15.62
CA GLY C 238 44.41 -23.16 16.43
C GLY C 238 44.53 -22.87 17.91
N GLN C 239 45.59 -22.16 18.30
CA GLN C 239 45.68 -21.66 19.67
C GLN C 239 44.46 -20.81 20.03
N LEU C 240 44.06 -19.93 19.10
CA LEU C 240 42.92 -19.05 19.37
C LEU C 240 41.63 -19.84 19.51
N LEU C 241 41.42 -20.84 18.63
CA LEU C 241 40.24 -21.68 18.75
C LEU C 241 40.27 -22.51 20.03
N HIS C 242 41.39 -23.19 20.28
CA HIS C 242 41.49 -24.05 21.46
C HIS C 242 41.33 -23.25 22.74
N ALA C 243 41.87 -22.04 22.79
CA ALA C 243 41.75 -21.20 23.98
C ALA C 243 40.35 -20.62 24.14
N SER C 244 39.49 -20.72 23.12
CA SER C 244 38.12 -20.27 23.20
C SER C 244 37.13 -21.41 23.44
N GLY C 245 37.64 -22.62 23.69
CA GLY C 245 36.81 -23.77 23.99
C GLY C 245 36.56 -24.71 22.84
N TYR C 246 37.18 -24.48 21.69
CA TYR C 246 36.90 -25.25 20.48
C TYR C 246 38.07 -26.18 20.19
N ASP C 247 38.18 -27.22 21.01
CA ASP C 247 39.30 -28.17 20.93
C ASP C 247 39.35 -28.85 19.58
N ALA C 248 38.26 -29.52 19.19
CA ALA C 248 38.27 -30.28 17.94
C ALA C 248 38.50 -29.38 16.73
N ALA C 249 37.98 -28.15 16.79
CA ALA C 249 38.18 -27.21 15.68
C ALA C 249 39.65 -26.87 15.50
N ALA C 250 40.37 -26.67 16.60
CA ALA C 250 41.78 -26.31 16.52
C ALA C 250 42.62 -27.42 15.93
N ARG C 251 42.28 -28.68 16.22
CA ARG C 251 43.09 -29.80 15.77
C ARG C 251 42.90 -30.12 14.29
N SER C 252 41.80 -29.69 13.69
CA SER C 252 41.53 -29.94 12.28
C SER C 252 41.68 -28.69 11.42
N LEU C 253 42.09 -27.56 12.01
CA LEU C 253 42.09 -26.29 11.29
C LEU C 253 43.02 -26.33 10.08
N LEU C 254 44.30 -26.66 10.32
CA LEU C 254 45.26 -26.77 9.22
C LEU C 254 44.77 -27.74 8.16
N GLU C 255 44.15 -28.84 8.58
CA GLU C 255 43.57 -29.78 7.62
C GLU C 255 42.36 -29.17 6.92
N ASP C 256 41.50 -28.47 7.67
CA ASP C 256 40.31 -27.88 7.07
C ASP C 256 40.67 -26.69 6.18
N VAL C 257 41.65 -25.88 6.59
CA VAL C 257 42.08 -24.76 5.77
C VAL C 257 42.67 -25.27 4.46
N ARG C 258 43.55 -26.27 4.54
CA ARG C 258 44.12 -26.86 3.32
C ARG C 258 43.03 -27.46 2.44
N ALA C 259 42.00 -28.05 3.04
CA ALA C 259 40.95 -28.67 2.26
C ALA C 259 40.10 -27.63 1.53
N VAL C 260 39.82 -26.50 2.20
CA VAL C 260 38.98 -25.48 1.58
C VAL C 260 39.78 -24.68 0.55
N ILE C 261 41.08 -24.48 0.77
CA ILE C 261 41.92 -23.86 -0.24
C ILE C 261 41.85 -24.64 -1.54
N ASP C 262 41.92 -25.98 -1.45
CA ASP C 262 41.79 -26.82 -2.64
C ASP C 262 40.38 -26.78 -3.21
N ALA C 263 39.37 -26.78 -2.32
CA ALA C 263 37.98 -26.84 -2.78
C ALA C 263 37.54 -25.56 -3.48
N THR C 264 38.20 -24.43 -3.22
CA THR C 264 37.89 -23.14 -3.84
C THR C 264 39.11 -22.59 -4.56
N ALA C 265 39.90 -23.47 -5.18
CA ALA C 265 41.18 -23.07 -5.74
C ALA C 265 41.02 -22.01 -6.83
N ALA C 266 39.97 -22.12 -7.65
CA ALA C 266 39.76 -21.22 -8.76
C ALA C 266 38.87 -20.03 -8.41
N ASN C 267 38.57 -19.83 -7.13
CA ASN C 267 37.71 -18.73 -6.69
C ASN C 267 38.54 -17.64 -6.03
N TYR C 268 38.19 -16.39 -6.31
CA TYR C 268 38.70 -15.28 -5.52
C TYR C 268 37.93 -15.18 -4.21
N SER C 269 38.63 -14.81 -3.14
CA SER C 269 37.95 -14.63 -1.87
C SER C 269 37.05 -13.42 -1.90
N SER C 270 36.10 -13.37 -0.98
CA SER C 270 35.25 -12.19 -0.84
C SER C 270 36.06 -10.96 -0.51
N MET C 271 37.13 -11.13 0.27
CA MET C 271 38.00 -10.01 0.61
C MET C 271 38.78 -9.51 -0.60
N HIS C 272 39.20 -10.43 -1.47
CA HIS C 272 39.91 -10.02 -2.69
C HIS C 272 38.97 -9.26 -3.62
N GLN C 273 37.71 -9.70 -3.72
CA GLN C 273 36.76 -9.02 -4.60
C GLN C 273 36.38 -7.65 -4.07
N ASP C 274 36.43 -7.45 -2.75
CA ASP C 274 36.20 -6.11 -2.19
C ASP C 274 37.33 -5.16 -2.55
N VAL C 275 38.58 -5.59 -2.33
CA VAL C 275 39.72 -4.74 -2.62
C VAL C 275 39.81 -4.43 -4.11
N THR C 276 39.55 -5.44 -4.95
CA THR C 276 39.60 -5.23 -6.39
C THR C 276 38.50 -4.29 -6.87
N ARG C 277 37.29 -4.44 -6.32
CA ARG C 277 36.17 -3.58 -6.68
C ARG C 277 36.17 -2.25 -5.95
N GLY C 278 37.27 -1.89 -5.28
CA GLY C 278 37.37 -0.62 -4.60
C GLY C 278 36.46 -0.45 -3.41
N ARG C 279 35.79 -1.50 -2.97
CA ARG C 279 34.86 -1.41 -1.85
C ARG C 279 35.57 -1.70 -0.53
N ARG C 280 34.90 -1.33 0.56
CA ARG C 280 35.46 -1.54 1.89
C ARG C 280 35.37 -3.02 2.26
N THR C 281 36.37 -3.48 3.00
CA THR C 281 36.46 -4.89 3.39
C THR C 281 35.95 -5.10 4.81
N GLU C 282 35.71 -6.37 5.14
CA GLU C 282 35.27 -6.78 6.47
C GLU C 282 36.43 -7.14 7.38
N ILE C 283 37.54 -6.40 7.30
CA ILE C 283 38.74 -6.77 8.06
C ILE C 283 38.53 -6.55 9.55
N GLY C 284 37.72 -5.55 9.93
CA GLY C 284 37.53 -5.27 11.35
C GLY C 284 36.83 -6.39 12.10
N TYR C 285 35.95 -7.11 11.43
CA TYR C 285 35.15 -8.15 12.06
C TYR C 285 35.67 -9.54 11.74
N LEU C 286 36.79 -9.64 11.05
CA LEU C 286 37.40 -10.92 10.72
C LEU C 286 38.73 -11.02 11.44
N LEU C 287 39.78 -10.45 10.85
CA LEU C 287 41.11 -10.46 11.47
C LEU C 287 41.17 -9.53 12.67
N GLY C 288 40.42 -8.43 12.63
CA GLY C 288 40.39 -7.54 13.79
C GLY C 288 39.74 -8.19 14.99
N TYR C 289 38.54 -8.77 14.79
CA TYR C 289 37.86 -9.45 15.89
C TYR C 289 38.70 -10.58 16.45
N ALA C 290 39.33 -11.38 15.58
CA ALA C 290 40.18 -12.45 16.05
C ALA C 290 41.40 -11.92 16.80
N CYS C 291 41.86 -10.71 16.46
CA CYS C 291 43.01 -10.13 17.15
C CYS C 291 42.60 -9.53 18.49
N GLN C 292 41.48 -8.80 18.52
CA GLN C 292 40.95 -8.31 19.80
C GLN C 292 40.64 -9.48 20.73
N HIS C 293 39.96 -10.49 20.21
CA HIS C 293 39.56 -11.60 21.08
C HIS C 293 40.78 -12.30 21.65
N GLY C 294 41.89 -12.33 20.91
CA GLY C 294 43.13 -12.83 21.48
C GLY C 294 43.60 -12.01 22.67
N GLN C 295 43.67 -10.69 22.50
CA GLN C 295 44.02 -9.84 23.63
C GLN C 295 42.90 -9.77 24.66
N ARG C 296 41.65 -10.07 24.27
CA ARG C 296 40.56 -10.08 25.24
C ARG C 296 40.69 -11.23 26.23
N LEU C 297 41.22 -12.36 25.78
CA LEU C 297 41.55 -13.48 26.67
C LEU C 297 43.02 -13.50 27.04
N GLY C 298 43.74 -12.41 26.76
CA GLY C 298 45.16 -12.35 27.06
C GLY C 298 46.00 -13.29 26.24
N LEU C 299 45.50 -13.71 25.08
CA LEU C 299 46.22 -14.64 24.22
C LEU C 299 47.16 -13.87 23.30
N PRO C 300 48.46 -14.06 23.40
CA PRO C 300 49.39 -13.34 22.51
C PRO C 300 49.26 -13.85 21.08
N LEU C 301 49.15 -12.90 20.14
CA LEU C 301 48.95 -13.19 18.72
C LEU C 301 50.06 -12.55 17.91
N PRO C 302 51.16 -13.27 17.67
CA PRO C 302 52.27 -12.72 16.87
C PRO C 302 52.02 -12.76 15.35
N ARG C 303 52.03 -13.96 14.76
CA ARG C 303 51.94 -14.07 13.31
C ARG C 303 50.66 -13.48 12.77
N LEU C 304 49.53 -13.70 13.46
CA LEU C 304 48.31 -13.01 13.08
C LEU C 304 48.43 -11.51 13.29
N GLY C 305 49.17 -11.09 14.32
CA GLY C 305 49.40 -9.67 14.52
C GLY C 305 50.12 -9.05 13.34
N THR C 306 51.15 -9.72 12.82
CA THR C 306 51.88 -9.23 11.66
C THR C 306 51.18 -9.57 10.35
N LEU C 307 50.19 -10.45 10.36
CA LEU C 307 49.39 -10.72 9.17
C LEU C 307 48.31 -9.67 9.00
N LEU C 308 47.53 -9.41 10.06
CA LEU C 308 46.67 -8.24 10.08
C LEU C 308 47.48 -6.97 9.81
N ALA C 309 48.73 -6.97 10.25
CA ALA C 309 49.56 -5.77 10.14
C ALA C 309 49.87 -5.44 8.69
N ARG C 310 50.23 -6.45 7.88
CA ARG C 310 50.46 -6.22 6.45
C ARG C 310 49.18 -5.79 5.75
N LEU C 311 48.05 -6.42 6.09
CA LEU C 311 46.80 -6.17 5.38
C LEU C 311 46.33 -4.73 5.56
N GLN C 312 46.56 -4.13 6.73
CA GLN C 312 46.25 -2.71 6.88
C GLN C 312 47.18 -1.86 6.00
N ALA C 313 48.46 -2.21 5.95
CA ALA C 313 49.40 -1.48 5.10
C ALA C 313 49.01 -1.62 3.63
N HIS C 314 48.66 -2.83 3.20
CA HIS C 314 48.20 -3.04 1.83
C HIS C 314 46.99 -2.15 1.53
N LEU C 315 45.96 -2.24 2.36
CA LEU C 315 44.77 -1.43 2.16
C LEU C 315 45.10 0.06 2.21
N ARG C 316 46.02 0.46 3.08
CA ARG C 316 46.40 1.87 3.18
C ARG C 316 46.98 2.38 1.87
N GLN C 317 47.91 1.61 1.28
CA GLN C 317 48.58 2.05 0.06
C GLN C 317 47.65 2.05 -1.15
N ARG C 318 46.57 1.26 -1.12
CA ARG C 318 45.61 1.27 -2.22
C ARG C 318 44.57 2.39 -2.09
N GLY C 319 44.58 3.13 -0.99
CA GLY C 319 43.58 4.17 -0.78
C GLY C 319 42.20 3.63 -0.49
N LEU C 320 42.12 2.60 0.34
CA LEU C 320 40.86 1.97 0.71
C LEU C 320 40.74 1.94 2.23
N PRO C 321 39.51 1.99 2.76
CA PRO C 321 39.34 2.00 4.23
C PRO C 321 39.98 0.77 4.87
N ASP C 322 40.89 1.03 5.81
CA ASP C 322 41.54 -0.04 6.55
C ASP C 322 40.71 -0.55 7.72
N ARG C 323 39.47 -0.09 7.86
CA ARG C 323 38.57 -0.57 8.88
C ARG C 323 37.34 -1.20 8.25
C1 GOL D . -23.84 23.86 10.82
O1 GOL D . -22.58 23.27 10.74
C2 GOL D . -24.88 22.72 10.79
O2 GOL D . -24.69 21.79 11.80
C3 GOL D . -24.76 22.13 9.38
O3 GOL D . -25.08 20.77 9.52
C1 GOL E . -25.19 17.56 -2.93
O1 GOL E . -25.71 16.43 -2.27
C2 GOL E . -26.11 17.82 -4.15
O2 GOL E . -27.42 18.19 -3.78
C3 GOL E . -25.37 18.92 -4.96
O3 GOL E . -25.84 18.84 -6.28
O2 KPL F . -18.06 10.90 12.00
C5 KPL F . -17.57 11.94 11.79
C6 KPL F . -16.69 12.13 10.53
O4 KPL F . -15.93 13.10 10.40
O3 KPL F . -16.73 11.28 9.59
C2 KPL F . -17.88 13.07 12.79
C3 KPL F . -16.65 13.81 13.28
C1 KPL F . -18.59 12.49 14.01
C4 KPL F . -18.86 14.02 12.14
O1 KPL F . -20.01 13.32 11.75
PA NAD G . -7.87 16.06 0.04
O1A NAD G . -6.75 15.07 0.15
O2A NAD G . -8.95 15.42 -0.78
O5B NAD G . -7.34 17.47 -0.61
C5B NAD G . -6.06 17.94 -0.27
C4B NAD G . -5.42 18.74 -1.41
O4B NAD G . -4.30 19.79 -0.88
C3B NAD G . -4.82 17.87 -2.17
O3B NAD G . -5.15 18.18 -3.60
C2B NAD G . -3.32 18.03 -1.85
O2B NAD G . -2.63 17.72 -2.96
C1B NAD G . -3.15 19.51 -1.46
N9A NAD G . -2.06 19.54 -0.48
C8A NAD G . -1.62 19.03 0.66
N7A NAD G . -0.47 19.59 0.96
C5A NAD G . -0.20 20.48 -0.01
C6A NAD G . 0.86 21.32 -0.16
N6A NAD G . 1.91 21.34 0.81
N1A NAD G . 0.95 22.14 -1.20
C2A NAD G . -0.05 22.12 -2.13
N3A NAD G . -1.11 21.29 -1.98
C4A NAD G . -1.19 20.46 -0.92
O3 NAD G . -8.51 16.36 1.52
PN NAD G . -10.05 16.87 1.81
O1N NAD G . -11.04 15.74 1.76
O2N NAD G . -10.51 17.84 0.77
O5D NAD G . -10.02 17.67 3.24
C5D NAD G . -9.26 18.84 3.28
C4D NAD G . -9.56 19.51 4.63
O4D NAD G . -10.83 19.82 4.73
C3D NAD G . -9.30 18.42 5.70
O3D NAD G . -8.67 18.96 6.77
C2D NAD G . -10.70 17.95 6.14
O2D NAD G . -10.72 17.47 7.54
C1D NAD G . -11.45 19.01 5.99
N1N NAD G . -12.82 18.67 5.71
C2N NAD G . -13.14 18.01 4.58
C3N NAD G . -14.48 17.66 4.34
C7N NAD G . -14.89 16.92 3.08
O7N NAD G . -14.08 16.55 2.31
N7N NAD G . -16.28 16.66 2.81
C4N NAD G . -15.42 18.00 5.23
C5N NAD G . -15.10 18.66 6.35
C6N NAD G . -13.78 19.01 6.59
O2 KPL H . -25.07 -4.43 -4.56
C5 KPL H . -24.73 -5.19 -5.40
C6 KPL H . -23.87 -4.66 -6.55
O4 KPL H . -23.31 -3.53 -6.46
O3 KPL H . -23.70 -5.32 -7.60
C2 KPL H . -25.16 -6.65 -5.20
C3 KPL H . -26.53 -6.88 -5.83
C1 KPL H . -25.24 -6.84 -3.70
C4 KPL H . -24.18 -7.67 -5.77
O1 KPL H . -24.13 -8.81 -4.95
PA NAD I . -11.95 0.14 -13.39
O1A NAD I . -12.39 1.37 -14.12
O2A NAD I . -11.36 0.59 -12.08
O5B NAD I . -10.83 -0.66 -14.31
C5B NAD I . -10.72 -0.30 -15.67
C4B NAD I . -9.27 -0.17 -16.15
O4B NAD I . -9.01 -0.66 -17.66
C3B NAD I . -9.00 1.12 -16.14
O3B NAD I . -7.60 1.30 -15.62
C2B NAD I . -9.14 1.53 -17.61
O2B NAD I . -8.40 2.63 -17.83
C1B NAD I . -8.60 0.34 -18.40
N9A NAD I . -9.31 0.39 -19.69
C8A NAD I . -10.49 0.62 -20.25
N7A NAD I . -10.37 0.46 -21.57
C5A NAD I . -9.09 0.15 -21.81
C6A NAD I . -8.46 -0.11 -22.99
N6A NAD I . -9.18 -0.07 -24.23
N1A NAD I . -7.17 -0.41 -23.03
C2A NAD I . -6.48 -0.46 -21.86
N3A NAD I . -7.10 -0.21 -20.69
C4A NAD I . -8.41 0.10 -20.65
O3 NAD I . -13.28 -0.80 -13.07
PN NAD I . -13.31 -2.34 -12.50
O1N NAD I . -14.04 -2.34 -11.19
O2N NAD I . -11.94 -2.85 -12.16
O5D NAD I . -14.02 -3.33 -13.62
C5D NAD I . -13.40 -4.47 -14.14
C4D NAD I . -14.54 -5.51 -14.39
O4D NAD I . -14.64 -6.36 -13.41
C3D NAD I . -15.89 -4.77 -14.41
O3D NAD I . -16.72 -5.38 -15.29
C2D NAD I . -16.48 -4.99 -13.01
O2D NAD I . -17.99 -4.95 -12.97
C1D NAD I . -16.08 -6.19 -12.70
N1N NAD I . -15.93 -6.37 -11.28
C2N NAD I . -15.35 -5.40 -10.54
C3N NAD I . -15.22 -5.57 -9.17
C7N NAD I . -14.57 -4.51 -8.29
O7N NAD I . -13.90 -3.66 -8.77
N7N NAD I . -14.73 -4.53 -6.86
C4N NAD I . -15.66 -6.71 -8.60
C5N NAD I . -16.22 -7.67 -9.36
C6N NAD I . -16.36 -7.50 -10.72
O2 KPL J . 34.53 -18.11 1.90
C5 KPL J . 35.48 -17.55 1.43
C6 KPL J . 35.41 -16.03 1.19
O4 KPL J . 35.70 -15.56 0.07
O3 KPL J . 35.07 -15.24 2.11
C2 KPL J . 36.69 -18.40 1.03
C3 KPL J . 37.98 -17.61 0.94
C1 KPL J . 36.30 -18.96 -0.32
C4 KPL J . 36.89 -19.56 1.99
O1 KPL J . 35.61 -19.98 2.42
#